data_2QZD
# 
_entry.id   2QZD 
# 
_audit_conform.dict_name       mmcif_pdbx.dic 
_audit_conform.dict_version    5.397 
_audit_conform.dict_location   http://mmcif.pdb.org/dictionaries/ascii/mmcif_pdbx.dic 
# 
loop_
_database_2.database_id 
_database_2.database_code 
_database_2.pdbx_database_accession 
_database_2.pdbx_DOI 
PDB   2QZD         pdb_00002qzd 10.2210/pdb2qzd/pdb 
RCSB  RCSB044235   ?            ?                   
WWPDB D_1000044235 ?            ?                   
# 
loop_
_pdbx_audit_revision_history.ordinal 
_pdbx_audit_revision_history.data_content_type 
_pdbx_audit_revision_history.major_revision 
_pdbx_audit_revision_history.minor_revision 
_pdbx_audit_revision_history.revision_date 
1 'Structure model' 1 0 2007-10-30 
2 'Structure model' 1 1 2011-07-13 
3 'Structure model' 1 2 2012-05-30 
4 'Structure model' 1 3 2018-07-18 
5 'Structure model' 1 4 2024-10-16 
# 
_pdbx_audit_revision_details.ordinal             1 
_pdbx_audit_revision_details.revision_ordinal    1 
_pdbx_audit_revision_details.data_content_type   'Structure model' 
_pdbx_audit_revision_details.provider            repository 
_pdbx_audit_revision_details.type                'Initial release' 
_pdbx_audit_revision_details.description         ? 
_pdbx_audit_revision_details.details             ? 
# 
loop_
_pdbx_audit_revision_group.ordinal 
_pdbx_audit_revision_group.revision_ordinal 
_pdbx_audit_revision_group.data_content_type 
_pdbx_audit_revision_group.group 
1 2 'Structure model' 'Version format compliance' 
2 3 'Structure model' 'Refinement description'    
3 4 'Structure model' 'Data collection'           
4 5 'Structure model' 'Data collection'           
5 5 'Structure model' 'Database references'       
6 5 'Structure model' 'Refinement description'    
7 5 'Structure model' 'Structure summary'         
# 
loop_
_pdbx_audit_revision_category.ordinal 
_pdbx_audit_revision_category.revision_ordinal 
_pdbx_audit_revision_category.data_content_type 
_pdbx_audit_revision_category.category 
1  4 'Structure model' em_image_scans                
2  4 'Structure model' em_software                   
3  5 'Structure model' chem_comp_atom                
4  5 'Structure model' chem_comp_bond                
5  5 'Structure model' database_2                    
6  5 'Structure model' em_3d_fitting_list            
7  5 'Structure model' pdbx_entry_details            
8  5 'Structure model' pdbx_initial_refinement_model 
9  5 'Structure model' pdbx_modification_feature     
10 5 'Structure model' struct_ref_seq_dif            
# 
loop_
_pdbx_audit_revision_item.ordinal 
_pdbx_audit_revision_item.revision_ordinal 
_pdbx_audit_revision_item.data_content_type 
_pdbx_audit_revision_item.item 
1 4 'Structure model' '_em_software.image_processing_id'                
2 5 'Structure model' '_database_2.pdbx_DOI'                            
3 5 'Structure model' '_database_2.pdbx_database_accession'             
4 5 'Structure model' '_em_3d_fitting_list.accession_code'              
5 5 'Structure model' '_em_3d_fitting_list.initial_refinement_model_id' 
6 5 'Structure model' '_em_3d_fitting_list.source_name'                 
7 5 'Structure model' '_em_3d_fitting_list.type'                        
8 5 'Structure model' '_struct_ref_seq_dif.details'                     
# 
_pdbx_database_status.status_code                     REL 
_pdbx_database_status.entry_id                        2QZD 
_pdbx_database_status.recvd_initial_deposition_date   2007-08-16 
_pdbx_database_status.deposit_site                    RCSB 
_pdbx_database_status.process_site                    RCSB 
_pdbx_database_status.status_code_sf                  ? 
_pdbx_database_status.status_code_mr                  ? 
_pdbx_database_status.SG_entry                        ? 
_pdbx_database_status.status_code_cs                  ? 
_pdbx_database_status.methods_development_category    ? 
_pdbx_database_status.pdb_format_compatible           Y 
_pdbx_database_status.status_code_nmr_data            ? 
# 
_pdbx_database_related.db_name        EMDB 
_pdbx_database_related.db_id          EMD-1412 
_pdbx_database_related.details        . 
_pdbx_database_related.content_type   'associated EM volume' 
# 
loop_
_audit_author.name 
_audit_author.pdbx_ordinal 
'Hafenstein, S.'    1 
'Bowman, V.D.'      2 
'Chipman, P.R.'     3 
'Bator Kelly, C.M.' 4 
'Lin, F.'           5 
'Medof, M.E.'       6 
'Rossmann, M.G.'    7 
# 
_citation.id                        primary 
_citation.title                     'Interaction of decay-accelerating factor with coxsackievirus b3.' 
_citation.journal_abbrev            J.Virol. 
_citation.journal_volume            81 
_citation.page_first                12927 
_citation.page_last                 12935 
_citation.year                      2007 
_citation.journal_id_ASTM           JOVIAM 
_citation.country                   US 
_citation.journal_id_ISSN           0022-538X 
_citation.journal_id_CSD            0825 
_citation.book_publisher            ? 
_citation.pdbx_database_id_PubMed   17804498 
_citation.pdbx_database_id_DOI      10.1128/JVI.00931-07 
# 
loop_
_citation_author.citation_id 
_citation_author.name 
_citation_author.ordinal 
_citation_author.identifier_ORCID 
primary 'Hafenstein, S.'    1 ? 
primary 'Bowman, V.D.'      2 ? 
primary 'Chipman, P.R.'     3 ? 
primary 'Bator Kelly, C.M.' 4 ? 
primary 'Lin, F.'           5 ? 
primary 'Medof, M.E.'       6 ? 
primary 'Rossmann, M.G.'    7 ? 
# 
_entity.id                         1 
_entity.type                       polymer 
_entity.src_method                 man 
_entity.pdbx_description           'Complement decay-accelerating factor' 
_entity.formula_weight             7274.988 
_entity.pdbx_number_of_molecules   1 
_entity.pdbx_ec                    ? 
_entity.pdbx_mutation              ? 
_entity.pdbx_fragment              'SCR4 domain' 
_entity.details                    ? 
# 
_entity_name_com.entity_id   1 
_entity_name_com.name        'CD55 antigen' 
# 
_entity_poly.entity_id                      1 
_entity_poly.type                           'polypeptide(L)' 
_entity_poly.nstd_linkage                   no 
_entity_poly.nstd_monomer                   no 
_entity_poly.pdbx_seq_one_letter_code       EIYCPAPPQIDNGIIQGERDHYGYRQSVTYACNKGFTMIGEHSIYCTVNNDEGEWSGPPPECRGC 
_entity_poly.pdbx_seq_one_letter_code_can   EIYCPAPPQIDNGIIQGERDHYGYRQSVTYACNKGFTMIGEHSIYCTVNNDEGEWSGPPPECRGC 
_entity_poly.pdbx_strand_id                 A 
_entity_poly.pdbx_target_identifier         ? 
# 
loop_
_entity_poly_seq.entity_id 
_entity_poly_seq.num 
_entity_poly_seq.mon_id 
_entity_poly_seq.hetero 
1 1  GLU n 
1 2  ILE n 
1 3  TYR n 
1 4  CYS n 
1 5  PRO n 
1 6  ALA n 
1 7  PRO n 
1 8  PRO n 
1 9  GLN n 
1 10 ILE n 
1 11 ASP n 
1 12 ASN n 
1 13 GLY n 
1 14 ILE n 
1 15 ILE n 
1 16 GLN n 
1 17 GLY n 
1 18 GLU n 
1 19 ARG n 
1 20 ASP n 
1 21 HIS n 
1 22 TYR n 
1 23 GLY n 
1 24 TYR n 
1 25 ARG n 
1 26 GLN n 
1 27 SER n 
1 28 VAL n 
1 29 THR n 
1 30 TYR n 
1 31 ALA n 
1 32 CYS n 
1 33 ASN n 
1 34 LYS n 
1 35 GLY n 
1 36 PHE n 
1 37 THR n 
1 38 MET n 
1 39 ILE n 
1 40 GLY n 
1 41 GLU n 
1 42 HIS n 
1 43 SER n 
1 44 ILE n 
1 45 TYR n 
1 46 CYS n 
1 47 THR n 
1 48 VAL n 
1 49 ASN n 
1 50 ASN n 
1 51 ASP n 
1 52 GLU n 
1 53 GLY n 
1 54 GLU n 
1 55 TRP n 
1 56 SER n 
1 57 GLY n 
1 58 PRO n 
1 59 PRO n 
1 60 PRO n 
1 61 GLU n 
1 62 CYS n 
1 63 ARG n 
1 64 GLY n 
1 65 CYS n 
# 
_entity_src_gen.entity_id                          1 
_entity_src_gen.pdbx_src_id                        1 
_entity_src_gen.pdbx_alt_source_flag               sample 
_entity_src_gen.pdbx_seq_type                      ? 
_entity_src_gen.pdbx_beg_seq_num                   ? 
_entity_src_gen.pdbx_end_seq_num                   ? 
_entity_src_gen.gene_src_common_name               human 
_entity_src_gen.gene_src_genus                     Homo 
_entity_src_gen.pdbx_gene_src_gene                 'CD55, CR, DAF' 
_entity_src_gen.gene_src_species                   ? 
_entity_src_gen.gene_src_strain                    ? 
_entity_src_gen.gene_src_tissue                    ? 
_entity_src_gen.gene_src_tissue_fraction           ? 
_entity_src_gen.gene_src_details                   ? 
_entity_src_gen.pdbx_gene_src_fragment             ? 
_entity_src_gen.pdbx_gene_src_scientific_name      'Homo sapiens' 
_entity_src_gen.pdbx_gene_src_ncbi_taxonomy_id     9606 
_entity_src_gen.pdbx_gene_src_variant              ? 
_entity_src_gen.pdbx_gene_src_cell_line            ? 
_entity_src_gen.pdbx_gene_src_atcc                 ? 
_entity_src_gen.pdbx_gene_src_organ                ? 
_entity_src_gen.pdbx_gene_src_organelle            ? 
_entity_src_gen.pdbx_gene_src_cell                 ? 
_entity_src_gen.pdbx_gene_src_cellular_location    ? 
_entity_src_gen.host_org_common_name               ? 
_entity_src_gen.pdbx_host_org_scientific_name      'Escherichia coli' 
_entity_src_gen.pdbx_host_org_ncbi_taxonomy_id     562 
_entity_src_gen.host_org_genus                     Escherichia 
_entity_src_gen.pdbx_host_org_gene                 ? 
_entity_src_gen.pdbx_host_org_organ                ? 
_entity_src_gen.host_org_species                   ? 
_entity_src_gen.pdbx_host_org_tissue               ? 
_entity_src_gen.pdbx_host_org_tissue_fraction      ? 
_entity_src_gen.pdbx_host_org_strain               ? 
_entity_src_gen.pdbx_host_org_variant              ? 
_entity_src_gen.pdbx_host_org_cell_line            ? 
_entity_src_gen.pdbx_host_org_atcc                 ? 
_entity_src_gen.pdbx_host_org_culture_collection   ? 
_entity_src_gen.pdbx_host_org_cell                 ? 
_entity_src_gen.pdbx_host_org_organelle            ? 
_entity_src_gen.pdbx_host_org_cellular_location    ? 
_entity_src_gen.pdbx_host_org_vector_type          ? 
_entity_src_gen.pdbx_host_org_vector               ? 
_entity_src_gen.host_org_details                   ? 
_entity_src_gen.expression_system_id               ? 
_entity_src_gen.plasmid_name                       ? 
_entity_src_gen.plasmid_details                    ? 
_entity_src_gen.pdbx_description                   ? 
# 
loop_
_chem_comp.id 
_chem_comp.type 
_chem_comp.mon_nstd_flag 
_chem_comp.name 
_chem_comp.pdbx_synonyms 
_chem_comp.formula 
_chem_comp.formula_weight 
ALA 'L-peptide linking' y ALANINE         ? 'C3 H7 N O2'     89.093  
ARG 'L-peptide linking' y ARGININE        ? 'C6 H15 N4 O2 1' 175.209 
ASN 'L-peptide linking' y ASPARAGINE      ? 'C4 H8 N2 O3'    132.118 
ASP 'L-peptide linking' y 'ASPARTIC ACID' ? 'C4 H7 N O4'     133.103 
CYS 'L-peptide linking' y CYSTEINE        ? 'C3 H7 N O2 S'   121.158 
GLN 'L-peptide linking' y GLUTAMINE       ? 'C5 H10 N2 O3'   146.144 
GLU 'L-peptide linking' y 'GLUTAMIC ACID' ? 'C5 H9 N O4'     147.129 
GLY 'peptide linking'   y GLYCINE         ? 'C2 H5 N O2'     75.067  
HIS 'L-peptide linking' y HISTIDINE       ? 'C6 H10 N3 O2 1' 156.162 
ILE 'L-peptide linking' y ISOLEUCINE      ? 'C6 H13 N O2'    131.173 
LYS 'L-peptide linking' y LYSINE          ? 'C6 H15 N2 O2 1' 147.195 
MET 'L-peptide linking' y METHIONINE      ? 'C5 H11 N O2 S'  149.211 
PHE 'L-peptide linking' y PHENYLALANINE   ? 'C9 H11 N O2'    165.189 
PRO 'L-peptide linking' y PROLINE         ? 'C5 H9 N O2'     115.130 
SER 'L-peptide linking' y SERINE          ? 'C3 H7 N O3'     105.093 
THR 'L-peptide linking' y THREONINE       ? 'C4 H9 N O3'     119.119 
TRP 'L-peptide linking' y TRYPTOPHAN      ? 'C11 H12 N2 O2'  204.225 
TYR 'L-peptide linking' y TYROSINE        ? 'C9 H11 N O3'    181.189 
VAL 'L-peptide linking' y VALINE          ? 'C5 H11 N O2'    117.146 
# 
loop_
_pdbx_poly_seq_scheme.asym_id 
_pdbx_poly_seq_scheme.entity_id 
_pdbx_poly_seq_scheme.seq_id 
_pdbx_poly_seq_scheme.mon_id 
_pdbx_poly_seq_scheme.ndb_seq_num 
_pdbx_poly_seq_scheme.pdb_seq_num 
_pdbx_poly_seq_scheme.auth_seq_num 
_pdbx_poly_seq_scheme.pdb_mon_id 
_pdbx_poly_seq_scheme.auth_mon_id 
_pdbx_poly_seq_scheme.pdb_strand_id 
_pdbx_poly_seq_scheme.pdb_ins_code 
_pdbx_poly_seq_scheme.hetero 
A 1 1  GLU 1  1190 1190 GLU GLU A . n 
A 1 2  ILE 2  1191 1191 ILE ILE A . n 
A 1 3  TYR 3  1192 1192 TYR TYR A . n 
A 1 4  CYS 4  1193 1193 CYS CYS A . n 
A 1 5  PRO 5  1194 1194 PRO PRO A . n 
A 1 6  ALA 6  1195 1195 ALA ALA A . n 
A 1 7  PRO 7  1196 1196 PRO PRO A . n 
A 1 8  PRO 8  1197 1197 PRO PRO A . n 
A 1 9  GLN 9  1198 1198 GLN GLN A . n 
A 1 10 ILE 10 1199 1199 ILE ILE A . n 
A 1 11 ASP 11 1200 1200 ASP ASP A . n 
A 1 12 ASN 12 1201 1201 ASN ASN A . n 
A 1 13 GLY 13 1202 1202 GLY GLY A . n 
A 1 14 ILE 14 1203 1203 ILE ILE A . n 
A 1 15 ILE 15 1204 1204 ILE ILE A . n 
A 1 16 GLN 16 1205 1205 GLN GLN A . n 
A 1 17 GLY 17 1206 1206 GLY GLY A . n 
A 1 18 GLU 18 1207 1207 GLU GLU A . n 
A 1 19 ARG 19 1208 1208 ARG ARG A . n 
A 1 20 ASP 20 1209 1209 ASP ASP A . n 
A 1 21 HIS 21 1210 1210 HIS HIS A . n 
A 1 22 TYR 22 1211 1211 TYR TYR A . n 
A 1 23 GLY 23 1212 1212 GLY GLY A . n 
A 1 24 TYR 24 1213 1213 TYR TYR A . n 
A 1 25 ARG 25 1214 1214 ARG ARG A . n 
A 1 26 GLN 26 1215 1215 GLN GLN A . n 
A 1 27 SER 27 1216 1216 SER SER A . n 
A 1 28 VAL 28 1217 1217 VAL VAL A . n 
A 1 29 THR 29 1218 1218 THR THR A . n 
A 1 30 TYR 30 1219 1219 TYR TYR A . n 
A 1 31 ALA 31 1220 1220 ALA ALA A . n 
A 1 32 CYS 32 1221 1221 CYS CYS A . n 
A 1 33 ASN 33 1222 1222 ASN ASN A . n 
A 1 34 LYS 34 1223 1223 LYS LYS A . n 
A 1 35 GLY 35 1224 1224 GLY GLY A . n 
A 1 36 PHE 36 1225 1225 PHE PHE A . n 
A 1 37 THR 37 1226 1226 THR THR A . n 
A 1 38 MET 38 1227 1227 MET MET A . n 
A 1 39 ILE 39 1228 1228 ILE ILE A . n 
A 1 40 GLY 40 1229 1229 GLY GLY A . n 
A 1 41 GLU 41 1230 1230 GLU GLU A . n 
A 1 42 HIS 42 1231 1231 HIS HIS A . n 
A 1 43 SER 43 1232 1232 SER SER A . n 
A 1 44 ILE 44 1233 1233 ILE ILE A . n 
A 1 45 TYR 45 1234 1234 TYR TYR A . n 
A 1 46 CYS 46 1235 1235 CYS CYS A . n 
A 1 47 THR 47 1236 1236 THR THR A . n 
A 1 48 VAL 48 1237 1237 VAL VAL A . n 
A 1 49 ASN 49 1238 1238 ASN ASN A . n 
A 1 50 ASN 50 1239 1239 ASN ASN A . n 
A 1 51 ASP 51 1240 1240 ASP ASP A . n 
A 1 52 GLU 52 1241 1241 GLU GLU A . n 
A 1 53 GLY 53 1242 1242 GLY GLY A . n 
A 1 54 GLU 54 1243 1243 GLU GLU A . n 
A 1 55 TRP 55 1244 1244 TRP TRP A . n 
A 1 56 SER 56 1245 1245 SER SER A . n 
A 1 57 GLY 57 1246 1246 GLY GLY A . n 
A 1 58 PRO 58 1247 1247 PRO PRO A . n 
A 1 59 PRO 59 1248 1248 PRO PRO A . n 
A 1 60 PRO 60 1249 1249 PRO PRO A . n 
A 1 61 GLU 61 1250 1250 GLU GLU A . n 
A 1 62 CYS 62 1251 1251 CYS CYS A . n 
A 1 63 ARG 63 1252 1252 ARG ARG A . n 
A 1 64 GLY 64 1253 1253 GLY GLY A . n 
A 1 65 CYS 65 1254 1254 CYS CYS A . n 
# 
_cell.entry_id           2QZD 
_cell.length_a           1.000 
_cell.length_b           1.000 
_cell.length_c           1.000 
_cell.angle_alpha        90.00 
_cell.angle_beta         90.00 
_cell.angle_gamma        90.00 
_cell.pdbx_unique_axis   ? 
_cell.Z_PDB              1 
_cell.length_a_esd       ? 
_cell.length_b_esd       ? 
_cell.length_c_esd       ? 
_cell.angle_alpha_esd    ? 
_cell.angle_beta_esd     ? 
_cell.angle_gamma_esd    ? 
# 
_symmetry.entry_id                         2QZD 
_symmetry.space_group_name_H-M             'P 1' 
_symmetry.pdbx_full_space_group_name_H-M   ? 
_symmetry.Int_Tables_number                1 
_symmetry.cell_setting                     ? 
# 
_exptl.entry_id          2QZD 
_exptl.method            'ELECTRON MICROSCOPY' 
_exptl.crystals_number   ? 
# 
_exptl_crystal.id                    1 
_exptl_crystal.density_meas          ? 
_exptl_crystal.density_percent_sol   ? 
_exptl_crystal.density_Matthews      ? 
_exptl_crystal.description           ? 
_exptl_crystal.F_000                 ? 
_exptl_crystal.preparation           ? 
# 
_diffrn.id                     1 
_diffrn.ambient_temp           ? 
_diffrn.ambient_temp_details   ? 
_diffrn.crystal_id             1 
# 
_diffrn_radiation.diffrn_id                        1 
_diffrn_radiation.wavelength_id                    1 
_diffrn_radiation.pdbx_monochromatic_or_laue_m_l   M 
_diffrn_radiation.monochromator                    ? 
_diffrn_radiation.pdbx_diffrn_protocol             'SINGLE WAVELENGTH' 
_diffrn_radiation.pdbx_scattering_type             x-ray 
# 
_diffrn_radiation_wavelength.id           1 
_diffrn_radiation_wavelength.wavelength   . 
_diffrn_radiation_wavelength.wt           1.0 
# 
_refine_hist.pdbx_refine_id                   'ELECTRON MICROSCOPY' 
_refine_hist.cycle_id                         LAST 
_refine_hist.pdbx_number_atoms_protein        507 
_refine_hist.pdbx_number_atoms_nucleic_acid   0 
_refine_hist.pdbx_number_atoms_ligand         0 
_refine_hist.number_atoms_solvent             0 
_refine_hist.number_atoms_total               507 
_refine_hist.d_res_high                       . 
_refine_hist.d_res_low                        . 
# 
_struct.entry_id                  2QZD 
_struct.title                     'Fitted structure of SCR4 of DAF into cryoEM density' 
_struct.pdbx_model_details        ? 
_struct.pdbx_CASP_flag            ? 
_struct.pdbx_model_type_details   ? 
# 
_struct_keywords.entry_id        2QZD 
_struct_keywords.pdbx_keywords   'IMMUNE SYSTEM' 
_struct_keywords.text            
;SCR4 of DAF from 1ojv fitted into cryoEM density, Blood group antigen, Complement pathway, Glycoprotein, GPI-anchor, Immune response, Innate immunity, Lipoprotein, Membrane, Sushi, IMMUNE SYSTEM
;
# 
_struct_asym.id                            A 
_struct_asym.pdbx_blank_PDB_chainid_flag   N 
_struct_asym.pdbx_modified                 N 
_struct_asym.entity_id                     1 
_struct_asym.details                       ? 
# 
_struct_ref.id                         1 
_struct_ref.db_name                    UNP 
_struct_ref.db_code                    DAF_HUMAN 
_struct_ref.pdbx_db_accession          P08174 
_struct_ref.entity_id                  1 
_struct_ref.pdbx_seq_one_letter_code   EIYCPAPPQIDNGIIQGERDHYGYRQSVTYACNKGFTMIGEHSIYCTVNNDEGEWSGPPPECRG 
_struct_ref.pdbx_align_begin           222 
_struct_ref.pdbx_db_isoform            ? 
# 
_struct_ref_seq.align_id                      1 
_struct_ref_seq.ref_id                        1 
_struct_ref_seq.pdbx_PDB_id_code              2QZD 
_struct_ref_seq.pdbx_strand_id                A 
_struct_ref_seq.seq_align_beg                 1 
_struct_ref_seq.pdbx_seq_align_beg_ins_code   ? 
_struct_ref_seq.seq_align_end                 64 
_struct_ref_seq.pdbx_seq_align_end_ins_code   ? 
_struct_ref_seq.pdbx_db_accession             P08174 
_struct_ref_seq.db_align_beg                  222 
_struct_ref_seq.pdbx_db_align_beg_ins_code    ? 
_struct_ref_seq.db_align_end                  285 
_struct_ref_seq.pdbx_db_align_end_ins_code    ? 
_struct_ref_seq.pdbx_auth_seq_align_beg       1190 
_struct_ref_seq.pdbx_auth_seq_align_end       1253 
# 
_struct_ref_seq_dif.align_id                     1 
_struct_ref_seq_dif.pdbx_pdb_id_code             2QZD 
_struct_ref_seq_dif.mon_id                       CYS 
_struct_ref_seq_dif.pdbx_pdb_strand_id           A 
_struct_ref_seq_dif.seq_num                      65 
_struct_ref_seq_dif.pdbx_pdb_ins_code            ? 
_struct_ref_seq_dif.pdbx_seq_db_name             UNP 
_struct_ref_seq_dif.pdbx_seq_db_accession_code   P08174 
_struct_ref_seq_dif.db_mon_id                    ? 
_struct_ref_seq_dif.pdbx_seq_db_seq_num          ? 
_struct_ref_seq_dif.details                      insertion 
_struct_ref_seq_dif.pdbx_auth_seq_num            1254 
_struct_ref_seq_dif.pdbx_ordinal                 1 
# 
_pdbx_struct_assembly.id                   1 
_pdbx_struct_assembly.details              author_defined_assembly 
_pdbx_struct_assembly.method_details       ? 
_pdbx_struct_assembly.oligomeric_details   monomeric 
_pdbx_struct_assembly.oligomeric_count     1 
# 
_pdbx_struct_assembly_gen.assembly_id       1 
_pdbx_struct_assembly_gen.oper_expression   1 
_pdbx_struct_assembly_gen.asym_id_list      A 
# 
_pdbx_struct_oper_list.id                   1 
_pdbx_struct_oper_list.type                 'identity operation' 
_pdbx_struct_oper_list.name                 1_555 
_pdbx_struct_oper_list.symmetry_operation   x,y,z 
_pdbx_struct_oper_list.matrix[1][1]         1.0000000000 
_pdbx_struct_oper_list.matrix[1][2]         0.0000000000 
_pdbx_struct_oper_list.matrix[1][3]         0.0000000000 
_pdbx_struct_oper_list.vector[1]            0.0000000000 
_pdbx_struct_oper_list.matrix[2][1]         0.0000000000 
_pdbx_struct_oper_list.matrix[2][2]         1.0000000000 
_pdbx_struct_oper_list.matrix[2][3]         0.0000000000 
_pdbx_struct_oper_list.vector[2]            0.0000000000 
_pdbx_struct_oper_list.matrix[3][1]         0.0000000000 
_pdbx_struct_oper_list.matrix[3][2]         0.0000000000 
_pdbx_struct_oper_list.matrix[3][3]         1.0000000000 
_pdbx_struct_oper_list.vector[3]            0.0000000000 
# 
_struct_biol.id        1 
_struct_biol.details   ? 
# 
loop_
_struct_conn.id 
_struct_conn.conn_type_id 
_struct_conn.pdbx_leaving_atom_flag 
_struct_conn.pdbx_PDB_id 
_struct_conn.ptnr1_label_asym_id 
_struct_conn.ptnr1_label_comp_id 
_struct_conn.ptnr1_label_seq_id 
_struct_conn.ptnr1_label_atom_id 
_struct_conn.pdbx_ptnr1_label_alt_id 
_struct_conn.pdbx_ptnr1_PDB_ins_code 
_struct_conn.pdbx_ptnr1_standard_comp_id 
_struct_conn.ptnr1_symmetry 
_struct_conn.ptnr2_label_asym_id 
_struct_conn.ptnr2_label_comp_id 
_struct_conn.ptnr2_label_seq_id 
_struct_conn.ptnr2_label_atom_id 
_struct_conn.pdbx_ptnr2_label_alt_id 
_struct_conn.pdbx_ptnr2_PDB_ins_code 
_struct_conn.ptnr1_auth_asym_id 
_struct_conn.ptnr1_auth_comp_id 
_struct_conn.ptnr1_auth_seq_id 
_struct_conn.ptnr2_auth_asym_id 
_struct_conn.ptnr2_auth_comp_id 
_struct_conn.ptnr2_auth_seq_id 
_struct_conn.ptnr2_symmetry 
_struct_conn.pdbx_ptnr3_label_atom_id 
_struct_conn.pdbx_ptnr3_label_seq_id 
_struct_conn.pdbx_ptnr3_label_comp_id 
_struct_conn.pdbx_ptnr3_label_asym_id 
_struct_conn.pdbx_ptnr3_label_alt_id 
_struct_conn.pdbx_ptnr3_PDB_ins_code 
_struct_conn.details 
_struct_conn.pdbx_dist_value 
_struct_conn.pdbx_value_order 
_struct_conn.pdbx_role 
disulf1 disulf ? ? A CYS 4  SG ? ? ? 1_555 A CYS 46 SG ? ? A CYS 1193 A CYS 1235 1_555 ? ? ? ? ? ? ? 2.029 ? ? 
disulf2 disulf ? ? A CYS 32 SG ? ? ? 1_555 A CYS 62 SG ? ? A CYS 1221 A CYS 1251 1_555 ? ? ? ? ? ? ? 2.031 ? ? 
# 
_struct_conn_type.id          disulf 
_struct_conn_type.criteria    ? 
_struct_conn_type.reference   ? 
# 
loop_
_pdbx_modification_feature.ordinal 
_pdbx_modification_feature.label_comp_id 
_pdbx_modification_feature.label_asym_id 
_pdbx_modification_feature.label_seq_id 
_pdbx_modification_feature.label_alt_id 
_pdbx_modification_feature.modified_residue_label_comp_id 
_pdbx_modification_feature.modified_residue_label_asym_id 
_pdbx_modification_feature.modified_residue_label_seq_id 
_pdbx_modification_feature.modified_residue_label_alt_id 
_pdbx_modification_feature.auth_comp_id 
_pdbx_modification_feature.auth_asym_id 
_pdbx_modification_feature.auth_seq_id 
_pdbx_modification_feature.PDB_ins_code 
_pdbx_modification_feature.symmetry 
_pdbx_modification_feature.modified_residue_auth_comp_id 
_pdbx_modification_feature.modified_residue_auth_asym_id 
_pdbx_modification_feature.modified_residue_auth_seq_id 
_pdbx_modification_feature.modified_residue_PDB_ins_code 
_pdbx_modification_feature.modified_residue_symmetry 
_pdbx_modification_feature.comp_id_linking_atom 
_pdbx_modification_feature.modified_residue_id_linking_atom 
_pdbx_modification_feature.modified_residue_id 
_pdbx_modification_feature.ref_pcm_id 
_pdbx_modification_feature.ref_comp_id 
_pdbx_modification_feature.type 
_pdbx_modification_feature.category 
1 CYS A 4  ? CYS A 46 ? CYS A 1193 ? 1_555 CYS A 1235 ? 1_555 SG SG . . . None 'Disulfide bridge' 
2 CYS A 32 ? CYS A 62 ? CYS A 1221 ? 1_555 CYS A 1251 ? 1_555 SG SG . . . None 'Disulfide bridge' 
# 
_struct_mon_prot_cis.pdbx_id                1 
_struct_mon_prot_cis.label_comp_id          GLY 
_struct_mon_prot_cis.label_seq_id           64 
_struct_mon_prot_cis.label_asym_id          A 
_struct_mon_prot_cis.label_alt_id           . 
_struct_mon_prot_cis.pdbx_PDB_ins_code      ? 
_struct_mon_prot_cis.auth_comp_id           GLY 
_struct_mon_prot_cis.auth_seq_id            1253 
_struct_mon_prot_cis.auth_asym_id           A 
_struct_mon_prot_cis.pdbx_label_comp_id_2   CYS 
_struct_mon_prot_cis.pdbx_label_seq_id_2    65 
_struct_mon_prot_cis.pdbx_label_asym_id_2   A 
_struct_mon_prot_cis.pdbx_PDB_ins_code_2    ? 
_struct_mon_prot_cis.pdbx_auth_comp_id_2    CYS 
_struct_mon_prot_cis.pdbx_auth_seq_id_2     1254 
_struct_mon_prot_cis.pdbx_auth_asym_id_2    A 
_struct_mon_prot_cis.pdbx_PDB_model_num     1 
_struct_mon_prot_cis.pdbx_omega_angle       29.05 
# 
loop_
_struct_sheet.id 
_struct_sheet.type 
_struct_sheet.number_strands 
_struct_sheet.details 
A ? 4 ? 
B ? 2 ? 
# 
loop_
_struct_sheet_order.sheet_id 
_struct_sheet_order.range_id_1 
_struct_sheet_order.range_id_2 
_struct_sheet_order.offset 
_struct_sheet_order.sense 
A 1 2 ? anti-parallel 
A 2 3 ? anti-parallel 
A 3 4 ? anti-parallel 
B 1 2 ? anti-parallel 
# 
loop_
_struct_sheet_range.sheet_id 
_struct_sheet_range.id 
_struct_sheet_range.beg_label_comp_id 
_struct_sheet_range.beg_label_asym_id 
_struct_sheet_range.beg_label_seq_id 
_struct_sheet_range.pdbx_beg_PDB_ins_code 
_struct_sheet_range.end_label_comp_id 
_struct_sheet_range.end_label_asym_id 
_struct_sheet_range.end_label_seq_id 
_struct_sheet_range.pdbx_end_PDB_ins_code 
_struct_sheet_range.beg_auth_comp_id 
_struct_sheet_range.beg_auth_asym_id 
_struct_sheet_range.beg_auth_seq_id 
_struct_sheet_range.end_auth_comp_id 
_struct_sheet_range.end_auth_asym_id 
_struct_sheet_range.end_auth_seq_id 
A 1 GLY A 13 ? ILE A 15 ? GLY A 1202 ILE A 1204 
A 2 SER A 27 ? CYS A 32 ? SER A 1216 CYS A 1221 
A 3 SER A 43 ? ASN A 49 ? SER A 1232 ASN A 1238 
A 4 GLU A 52 ? TRP A 55 ? GLU A 1241 TRP A 1244 
B 1 THR A 37 ? ILE A 39 ? THR A 1226 ILE A 1228 
B 2 GLU A 61 ? ARG A 63 ? GLU A 1250 ARG A 1252 
# 
loop_
_pdbx_struct_sheet_hbond.sheet_id 
_pdbx_struct_sheet_hbond.range_id_1 
_pdbx_struct_sheet_hbond.range_id_2 
_pdbx_struct_sheet_hbond.range_1_label_atom_id 
_pdbx_struct_sheet_hbond.range_1_label_comp_id 
_pdbx_struct_sheet_hbond.range_1_label_asym_id 
_pdbx_struct_sheet_hbond.range_1_label_seq_id 
_pdbx_struct_sheet_hbond.range_1_PDB_ins_code 
_pdbx_struct_sheet_hbond.range_1_auth_atom_id 
_pdbx_struct_sheet_hbond.range_1_auth_comp_id 
_pdbx_struct_sheet_hbond.range_1_auth_asym_id 
_pdbx_struct_sheet_hbond.range_1_auth_seq_id 
_pdbx_struct_sheet_hbond.range_2_label_atom_id 
_pdbx_struct_sheet_hbond.range_2_label_comp_id 
_pdbx_struct_sheet_hbond.range_2_label_asym_id 
_pdbx_struct_sheet_hbond.range_2_label_seq_id 
_pdbx_struct_sheet_hbond.range_2_PDB_ins_code 
_pdbx_struct_sheet_hbond.range_2_auth_atom_id 
_pdbx_struct_sheet_hbond.range_2_auth_comp_id 
_pdbx_struct_sheet_hbond.range_2_auth_asym_id 
_pdbx_struct_sheet_hbond.range_2_auth_seq_id 
A 1 2 N ILE A 14 ? N ILE A 1203 O ALA A 31 ? O ALA A 1220 
A 2 3 N VAL A 28 ? N VAL A 1217 O ILE A 44 ? O ILE A 1233 
A 3 4 N THR A 47 ? N THR A 1236 O GLU A 54 ? O GLU A 1243 
B 1 2 N THR A 37 ? N THR A 1226 O ARG A 63 ? O ARG A 1252 
# 
_pdbx_entry_details.entry_id                   2QZD 
_pdbx_entry_details.compound_details           ? 
_pdbx_entry_details.source_details             ? 
_pdbx_entry_details.nonpolymer_details         ? 
_pdbx_entry_details.sequence_details           ? 
_pdbx_entry_details.has_ligand_of_interest     ? 
_pdbx_entry_details.has_protein_modification   Y 
# 
_pdbx_validate_torsion.id              1 
_pdbx_validate_torsion.PDB_model_num   1 
_pdbx_validate_torsion.auth_comp_id    ARG 
_pdbx_validate_torsion.auth_asym_id    A 
_pdbx_validate_torsion.auth_seq_id     1214 
_pdbx_validate_torsion.PDB_ins_code    ? 
_pdbx_validate_torsion.label_alt_id    ? 
_pdbx_validate_torsion.phi             73.17 
_pdbx_validate_torsion.psi             -5.08 
# 
_em_3d_fitting.id                1 
_em_3d_fitting.entry_id          2QZD 
_em_3d_fitting.ref_protocol      ? 
_em_3d_fitting.ref_space         ? 
_em_3d_fitting.overall_b_value   ? 
_em_3d_fitting.target_criteria   ? 
_em_3d_fitting.details           ? 
_em_3d_fitting.method            ? 
# 
_em_3d_fitting_list.3d_fitting_id                 1 
_em_3d_fitting_list.id                            1 
_em_3d_fitting_list.pdb_entry_id                  1OJV 
_em_3d_fitting_list.pdb_chain_id                  ? 
_em_3d_fitting_list.details                       ? 
_em_3d_fitting_list.initial_refinement_model_id   1 
_em_3d_fitting_list.chain_id                      ? 
_em_3d_fitting_list.chain_residue_range           ? 
_em_3d_fitting_list.pdb_chain_residue_range       ? 
_em_3d_fitting_list.source_name                   PDB 
_em_3d_fitting_list.type                          'experimental model' 
_em_3d_fitting_list.accession_code                1OJV 
# 
_em_3d_reconstruction.entry_id                    2QZD 
_em_3d_reconstruction.id                          1 
_em_3d_reconstruction.symmetry_type               POINT 
_em_3d_reconstruction.num_particles               2269 
_em_3d_reconstruction.image_processing_id         1 
_em_3d_reconstruction.method                      ? 
_em_3d_reconstruction.nominal_pixel_size          ? 
_em_3d_reconstruction.actual_pixel_size           ? 
_em_3d_reconstruction.resolution                  14 
_em_3d_reconstruction.resolution_method           ? 
_em_3d_reconstruction.magnification_calibration   ? 
_em_3d_reconstruction.details                     ? 
_em_3d_reconstruction.num_class_averages          ? 
_em_3d_reconstruction.algorithm                   ? 
# 
_em_buffer.id            1 
_em_buffer.specimen_id   1 
_em_buffer.name          '50mM MES' 
_em_buffer.pH            6 
_em_buffer.details       '50mM MES' 
# 
loop_
_em_entity_assembly.id 
_em_entity_assembly.name 
_em_entity_assembly.type 
_em_entity_assembly.parent_id 
_em_entity_assembly.synonym 
_em_entity_assembly.details 
_em_entity_assembly.oligomeric_details 
1 'coxsackievirus B3, RD strain, complexed with decay-accelerating factor' VIRUS 0 ? 
'one DAF binds each binding site, one per each protomer' ? 
2 'Complement decay-accelerating factor'                                   ?     1 ? ? ? 
# 
_em_imaging.entry_id                        2QZD 
_em_imaging.id                              1 
_em_imaging.nominal_magnification           45000 
_em_imaging.specimen_id                     1 
_em_imaging.date                            2004-08-06 
_em_imaging.temperature                     93 
_em_imaging.microscope_model                'FEI/PHILIPS CM300FEG/T' 
_em_imaging.nominal_defocus_min             1.0 
_em_imaging.nominal_defocus_max             4.6 
_em_imaging.tilt_angle_min                  0 
_em_imaging.tilt_angle_max                  ? 
_em_imaging.nominal_cs                      2.0 
_em_imaging.mode                            'BRIGHT FIELD' 
_em_imaging.illumination_mode               'FLOOD BEAM' 
_em_imaging.calibrated_magnification        ? 
_em_imaging.electron_source                 'TUNGSTEN HAIRPIN' 
_em_imaging.accelerating_voltage            300 
_em_imaging.details                         ? 
_em_imaging.specimen_holder_type            ? 
_em_imaging.specimen_holder_model           ? 
_em_imaging.citation_id                     ? 
_em_imaging.detector_distance               ? 
_em_imaging.recording_temperature_maximum   ? 
_em_imaging.recording_temperature_minimum   ? 
_em_imaging.astigmatism                     ? 
_em_imaging.electron_beam_tilt_params       ? 
# 
_em_sample_support.id               1 
_em_sample_support.specimen_id      1 
_em_sample_support.details          quantifoils 
_em_sample_support.film_material    ? 
_em_sample_support.grid_material    ? 
_em_sample_support.grid_mesh_size   ? 
_em_sample_support.grid_type        ? 
_em_sample_support.method           ? 
# 
_em_vitrification.entry_id              2QZD 
_em_vitrification.id                    1 
_em_vitrification.instrument            'HOMEMADE PLUNGER' 
_em_vitrification.cryogen_name          ETHANE 
_em_vitrification.details               'blot before plunging' 
_em_vitrification.citation_id           ? 
_em_vitrification.humidity              ? 
_em_vitrification.method                ? 
_em_vitrification.specimen_id           1 
_em_vitrification.temp                  ? 
_em_vitrification.time_resolved_state   ? 
# 
_em_experiment.entry_id                2QZD 
_em_experiment.id                      1 
_em_experiment.aggregation_state       PARTICLE 
_em_experiment.entity_assembly_id      1 
_em_experiment.reconstruction_method   'SINGLE PARTICLE' 
# 
_em_single_particle_entity.entry_id              2QZD 
_em_single_particle_entity.id                    1 
_em_single_particle_entity.point_symmetry        I 
_em_single_particle_entity.image_processing_id   1 
# 
loop_
_chem_comp_atom.comp_id 
_chem_comp_atom.atom_id 
_chem_comp_atom.type_symbol 
_chem_comp_atom.pdbx_aromatic_flag 
_chem_comp_atom.pdbx_stereo_config 
_chem_comp_atom.pdbx_ordinal 
ALA N    N N N 1   
ALA CA   C N S 2   
ALA C    C N N 3   
ALA O    O N N 4   
ALA CB   C N N 5   
ALA OXT  O N N 6   
ALA H    H N N 7   
ALA H2   H N N 8   
ALA HA   H N N 9   
ALA HB1  H N N 10  
ALA HB2  H N N 11  
ALA HB3  H N N 12  
ALA HXT  H N N 13  
ARG N    N N N 14  
ARG CA   C N S 15  
ARG C    C N N 16  
ARG O    O N N 17  
ARG CB   C N N 18  
ARG CG   C N N 19  
ARG CD   C N N 20  
ARG NE   N N N 21  
ARG CZ   C N N 22  
ARG NH1  N N N 23  
ARG NH2  N N N 24  
ARG OXT  O N N 25  
ARG H    H N N 26  
ARG H2   H N N 27  
ARG HA   H N N 28  
ARG HB2  H N N 29  
ARG HB3  H N N 30  
ARG HG2  H N N 31  
ARG HG3  H N N 32  
ARG HD2  H N N 33  
ARG HD3  H N N 34  
ARG HE   H N N 35  
ARG HH11 H N N 36  
ARG HH12 H N N 37  
ARG HH21 H N N 38  
ARG HH22 H N N 39  
ARG HXT  H N N 40  
ASN N    N N N 41  
ASN CA   C N S 42  
ASN C    C N N 43  
ASN O    O N N 44  
ASN CB   C N N 45  
ASN CG   C N N 46  
ASN OD1  O N N 47  
ASN ND2  N N N 48  
ASN OXT  O N N 49  
ASN H    H N N 50  
ASN H2   H N N 51  
ASN HA   H N N 52  
ASN HB2  H N N 53  
ASN HB3  H N N 54  
ASN HD21 H N N 55  
ASN HD22 H N N 56  
ASN HXT  H N N 57  
ASP N    N N N 58  
ASP CA   C N S 59  
ASP C    C N N 60  
ASP O    O N N 61  
ASP CB   C N N 62  
ASP CG   C N N 63  
ASP OD1  O N N 64  
ASP OD2  O N N 65  
ASP OXT  O N N 66  
ASP H    H N N 67  
ASP H2   H N N 68  
ASP HA   H N N 69  
ASP HB2  H N N 70  
ASP HB3  H N N 71  
ASP HD2  H N N 72  
ASP HXT  H N N 73  
CYS N    N N N 74  
CYS CA   C N R 75  
CYS C    C N N 76  
CYS O    O N N 77  
CYS CB   C N N 78  
CYS SG   S N N 79  
CYS OXT  O N N 80  
CYS H    H N N 81  
CYS H2   H N N 82  
CYS HA   H N N 83  
CYS HB2  H N N 84  
CYS HB3  H N N 85  
CYS HG   H N N 86  
CYS HXT  H N N 87  
GLN N    N N N 88  
GLN CA   C N S 89  
GLN C    C N N 90  
GLN O    O N N 91  
GLN CB   C N N 92  
GLN CG   C N N 93  
GLN CD   C N N 94  
GLN OE1  O N N 95  
GLN NE2  N N N 96  
GLN OXT  O N N 97  
GLN H    H N N 98  
GLN H2   H N N 99  
GLN HA   H N N 100 
GLN HB2  H N N 101 
GLN HB3  H N N 102 
GLN HG2  H N N 103 
GLN HG3  H N N 104 
GLN HE21 H N N 105 
GLN HE22 H N N 106 
GLN HXT  H N N 107 
GLU N    N N N 108 
GLU CA   C N S 109 
GLU C    C N N 110 
GLU O    O N N 111 
GLU CB   C N N 112 
GLU CG   C N N 113 
GLU CD   C N N 114 
GLU OE1  O N N 115 
GLU OE2  O N N 116 
GLU OXT  O N N 117 
GLU H    H N N 118 
GLU H2   H N N 119 
GLU HA   H N N 120 
GLU HB2  H N N 121 
GLU HB3  H N N 122 
GLU HG2  H N N 123 
GLU HG3  H N N 124 
GLU HE2  H N N 125 
GLU HXT  H N N 126 
GLY N    N N N 127 
GLY CA   C N N 128 
GLY C    C N N 129 
GLY O    O N N 130 
GLY OXT  O N N 131 
GLY H    H N N 132 
GLY H2   H N N 133 
GLY HA2  H N N 134 
GLY HA3  H N N 135 
GLY HXT  H N N 136 
HIS N    N N N 137 
HIS CA   C N S 138 
HIS C    C N N 139 
HIS O    O N N 140 
HIS CB   C N N 141 
HIS CG   C Y N 142 
HIS ND1  N Y N 143 
HIS CD2  C Y N 144 
HIS CE1  C Y N 145 
HIS NE2  N Y N 146 
HIS OXT  O N N 147 
HIS H    H N N 148 
HIS H2   H N N 149 
HIS HA   H N N 150 
HIS HB2  H N N 151 
HIS HB3  H N N 152 
HIS HD1  H N N 153 
HIS HD2  H N N 154 
HIS HE1  H N N 155 
HIS HE2  H N N 156 
HIS HXT  H N N 157 
ILE N    N N N 158 
ILE CA   C N S 159 
ILE C    C N N 160 
ILE O    O N N 161 
ILE CB   C N S 162 
ILE CG1  C N N 163 
ILE CG2  C N N 164 
ILE CD1  C N N 165 
ILE OXT  O N N 166 
ILE H    H N N 167 
ILE H2   H N N 168 
ILE HA   H N N 169 
ILE HB   H N N 170 
ILE HG12 H N N 171 
ILE HG13 H N N 172 
ILE HG21 H N N 173 
ILE HG22 H N N 174 
ILE HG23 H N N 175 
ILE HD11 H N N 176 
ILE HD12 H N N 177 
ILE HD13 H N N 178 
ILE HXT  H N N 179 
LYS N    N N N 180 
LYS CA   C N S 181 
LYS C    C N N 182 
LYS O    O N N 183 
LYS CB   C N N 184 
LYS CG   C N N 185 
LYS CD   C N N 186 
LYS CE   C N N 187 
LYS NZ   N N N 188 
LYS OXT  O N N 189 
LYS H    H N N 190 
LYS H2   H N N 191 
LYS HA   H N N 192 
LYS HB2  H N N 193 
LYS HB3  H N N 194 
LYS HG2  H N N 195 
LYS HG3  H N N 196 
LYS HD2  H N N 197 
LYS HD3  H N N 198 
LYS HE2  H N N 199 
LYS HE3  H N N 200 
LYS HZ1  H N N 201 
LYS HZ2  H N N 202 
LYS HZ3  H N N 203 
LYS HXT  H N N 204 
MET N    N N N 205 
MET CA   C N S 206 
MET C    C N N 207 
MET O    O N N 208 
MET CB   C N N 209 
MET CG   C N N 210 
MET SD   S N N 211 
MET CE   C N N 212 
MET OXT  O N N 213 
MET H    H N N 214 
MET H2   H N N 215 
MET HA   H N N 216 
MET HB2  H N N 217 
MET HB3  H N N 218 
MET HG2  H N N 219 
MET HG3  H N N 220 
MET HE1  H N N 221 
MET HE2  H N N 222 
MET HE3  H N N 223 
MET HXT  H N N 224 
PHE N    N N N 225 
PHE CA   C N S 226 
PHE C    C N N 227 
PHE O    O N N 228 
PHE CB   C N N 229 
PHE CG   C Y N 230 
PHE CD1  C Y N 231 
PHE CD2  C Y N 232 
PHE CE1  C Y N 233 
PHE CE2  C Y N 234 
PHE CZ   C Y N 235 
PHE OXT  O N N 236 
PHE H    H N N 237 
PHE H2   H N N 238 
PHE HA   H N N 239 
PHE HB2  H N N 240 
PHE HB3  H N N 241 
PHE HD1  H N N 242 
PHE HD2  H N N 243 
PHE HE1  H N N 244 
PHE HE2  H N N 245 
PHE HZ   H N N 246 
PHE HXT  H N N 247 
PRO N    N N N 248 
PRO CA   C N S 249 
PRO C    C N N 250 
PRO O    O N N 251 
PRO CB   C N N 252 
PRO CG   C N N 253 
PRO CD   C N N 254 
PRO OXT  O N N 255 
PRO H    H N N 256 
PRO HA   H N N 257 
PRO HB2  H N N 258 
PRO HB3  H N N 259 
PRO HG2  H N N 260 
PRO HG3  H N N 261 
PRO HD2  H N N 262 
PRO HD3  H N N 263 
PRO HXT  H N N 264 
SER N    N N N 265 
SER CA   C N S 266 
SER C    C N N 267 
SER O    O N N 268 
SER CB   C N N 269 
SER OG   O N N 270 
SER OXT  O N N 271 
SER H    H N N 272 
SER H2   H N N 273 
SER HA   H N N 274 
SER HB2  H N N 275 
SER HB3  H N N 276 
SER HG   H N N 277 
SER HXT  H N N 278 
THR N    N N N 279 
THR CA   C N S 280 
THR C    C N N 281 
THR O    O N N 282 
THR CB   C N R 283 
THR OG1  O N N 284 
THR CG2  C N N 285 
THR OXT  O N N 286 
THR H    H N N 287 
THR H2   H N N 288 
THR HA   H N N 289 
THR HB   H N N 290 
THR HG1  H N N 291 
THR HG21 H N N 292 
THR HG22 H N N 293 
THR HG23 H N N 294 
THR HXT  H N N 295 
TRP N    N N N 296 
TRP CA   C N S 297 
TRP C    C N N 298 
TRP O    O N N 299 
TRP CB   C N N 300 
TRP CG   C Y N 301 
TRP CD1  C Y N 302 
TRP CD2  C Y N 303 
TRP NE1  N Y N 304 
TRP CE2  C Y N 305 
TRP CE3  C Y N 306 
TRP CZ2  C Y N 307 
TRP CZ3  C Y N 308 
TRP CH2  C Y N 309 
TRP OXT  O N N 310 
TRP H    H N N 311 
TRP H2   H N N 312 
TRP HA   H N N 313 
TRP HB2  H N N 314 
TRP HB3  H N N 315 
TRP HD1  H N N 316 
TRP HE1  H N N 317 
TRP HE3  H N N 318 
TRP HZ2  H N N 319 
TRP HZ3  H N N 320 
TRP HH2  H N N 321 
TRP HXT  H N N 322 
TYR N    N N N 323 
TYR CA   C N S 324 
TYR C    C N N 325 
TYR O    O N N 326 
TYR CB   C N N 327 
TYR CG   C Y N 328 
TYR CD1  C Y N 329 
TYR CD2  C Y N 330 
TYR CE1  C Y N 331 
TYR CE2  C Y N 332 
TYR CZ   C Y N 333 
TYR OH   O N N 334 
TYR OXT  O N N 335 
TYR H    H N N 336 
TYR H2   H N N 337 
TYR HA   H N N 338 
TYR HB2  H N N 339 
TYR HB3  H N N 340 
TYR HD1  H N N 341 
TYR HD2  H N N 342 
TYR HE1  H N N 343 
TYR HE2  H N N 344 
TYR HH   H N N 345 
TYR HXT  H N N 346 
VAL N    N N N 347 
VAL CA   C N S 348 
VAL C    C N N 349 
VAL O    O N N 350 
VAL CB   C N N 351 
VAL CG1  C N N 352 
VAL CG2  C N N 353 
VAL OXT  O N N 354 
VAL H    H N N 355 
VAL H2   H N N 356 
VAL HA   H N N 357 
VAL HB   H N N 358 
VAL HG11 H N N 359 
VAL HG12 H N N 360 
VAL HG13 H N N 361 
VAL HG21 H N N 362 
VAL HG22 H N N 363 
VAL HG23 H N N 364 
VAL HXT  H N N 365 
# 
loop_
_chem_comp_bond.comp_id 
_chem_comp_bond.atom_id_1 
_chem_comp_bond.atom_id_2 
_chem_comp_bond.value_order 
_chem_comp_bond.pdbx_aromatic_flag 
_chem_comp_bond.pdbx_stereo_config 
_chem_comp_bond.pdbx_ordinal 
ALA N   CA   sing N N 1   
ALA N   H    sing N N 2   
ALA N   H2   sing N N 3   
ALA CA  C    sing N N 4   
ALA CA  CB   sing N N 5   
ALA CA  HA   sing N N 6   
ALA C   O    doub N N 7   
ALA C   OXT  sing N N 8   
ALA CB  HB1  sing N N 9   
ALA CB  HB2  sing N N 10  
ALA CB  HB3  sing N N 11  
ALA OXT HXT  sing N N 12  
ARG N   CA   sing N N 13  
ARG N   H    sing N N 14  
ARG N   H2   sing N N 15  
ARG CA  C    sing N N 16  
ARG CA  CB   sing N N 17  
ARG CA  HA   sing N N 18  
ARG C   O    doub N N 19  
ARG C   OXT  sing N N 20  
ARG CB  CG   sing N N 21  
ARG CB  HB2  sing N N 22  
ARG CB  HB3  sing N N 23  
ARG CG  CD   sing N N 24  
ARG CG  HG2  sing N N 25  
ARG CG  HG3  sing N N 26  
ARG CD  NE   sing N N 27  
ARG CD  HD2  sing N N 28  
ARG CD  HD3  sing N N 29  
ARG NE  CZ   sing N N 30  
ARG NE  HE   sing N N 31  
ARG CZ  NH1  sing N N 32  
ARG CZ  NH2  doub N N 33  
ARG NH1 HH11 sing N N 34  
ARG NH1 HH12 sing N N 35  
ARG NH2 HH21 sing N N 36  
ARG NH2 HH22 sing N N 37  
ARG OXT HXT  sing N N 38  
ASN N   CA   sing N N 39  
ASN N   H    sing N N 40  
ASN N   H2   sing N N 41  
ASN CA  C    sing N N 42  
ASN CA  CB   sing N N 43  
ASN CA  HA   sing N N 44  
ASN C   O    doub N N 45  
ASN C   OXT  sing N N 46  
ASN CB  CG   sing N N 47  
ASN CB  HB2  sing N N 48  
ASN CB  HB3  sing N N 49  
ASN CG  OD1  doub N N 50  
ASN CG  ND2  sing N N 51  
ASN ND2 HD21 sing N N 52  
ASN ND2 HD22 sing N N 53  
ASN OXT HXT  sing N N 54  
ASP N   CA   sing N N 55  
ASP N   H    sing N N 56  
ASP N   H2   sing N N 57  
ASP CA  C    sing N N 58  
ASP CA  CB   sing N N 59  
ASP CA  HA   sing N N 60  
ASP C   O    doub N N 61  
ASP C   OXT  sing N N 62  
ASP CB  CG   sing N N 63  
ASP CB  HB2  sing N N 64  
ASP CB  HB3  sing N N 65  
ASP CG  OD1  doub N N 66  
ASP CG  OD2  sing N N 67  
ASP OD2 HD2  sing N N 68  
ASP OXT HXT  sing N N 69  
CYS N   CA   sing N N 70  
CYS N   H    sing N N 71  
CYS N   H2   sing N N 72  
CYS CA  C    sing N N 73  
CYS CA  CB   sing N N 74  
CYS CA  HA   sing N N 75  
CYS C   O    doub N N 76  
CYS C   OXT  sing N N 77  
CYS CB  SG   sing N N 78  
CYS CB  HB2  sing N N 79  
CYS CB  HB3  sing N N 80  
CYS SG  HG   sing N N 81  
CYS OXT HXT  sing N N 82  
GLN N   CA   sing N N 83  
GLN N   H    sing N N 84  
GLN N   H2   sing N N 85  
GLN CA  C    sing N N 86  
GLN CA  CB   sing N N 87  
GLN CA  HA   sing N N 88  
GLN C   O    doub N N 89  
GLN C   OXT  sing N N 90  
GLN CB  CG   sing N N 91  
GLN CB  HB2  sing N N 92  
GLN CB  HB3  sing N N 93  
GLN CG  CD   sing N N 94  
GLN CG  HG2  sing N N 95  
GLN CG  HG3  sing N N 96  
GLN CD  OE1  doub N N 97  
GLN CD  NE2  sing N N 98  
GLN NE2 HE21 sing N N 99  
GLN NE2 HE22 sing N N 100 
GLN OXT HXT  sing N N 101 
GLU N   CA   sing N N 102 
GLU N   H    sing N N 103 
GLU N   H2   sing N N 104 
GLU CA  C    sing N N 105 
GLU CA  CB   sing N N 106 
GLU CA  HA   sing N N 107 
GLU C   O    doub N N 108 
GLU C   OXT  sing N N 109 
GLU CB  CG   sing N N 110 
GLU CB  HB2  sing N N 111 
GLU CB  HB3  sing N N 112 
GLU CG  CD   sing N N 113 
GLU CG  HG2  sing N N 114 
GLU CG  HG3  sing N N 115 
GLU CD  OE1  doub N N 116 
GLU CD  OE2  sing N N 117 
GLU OE2 HE2  sing N N 118 
GLU OXT HXT  sing N N 119 
GLY N   CA   sing N N 120 
GLY N   H    sing N N 121 
GLY N   H2   sing N N 122 
GLY CA  C    sing N N 123 
GLY CA  HA2  sing N N 124 
GLY CA  HA3  sing N N 125 
GLY C   O    doub N N 126 
GLY C   OXT  sing N N 127 
GLY OXT HXT  sing N N 128 
HIS N   CA   sing N N 129 
HIS N   H    sing N N 130 
HIS N   H2   sing N N 131 
HIS CA  C    sing N N 132 
HIS CA  CB   sing N N 133 
HIS CA  HA   sing N N 134 
HIS C   O    doub N N 135 
HIS C   OXT  sing N N 136 
HIS CB  CG   sing N N 137 
HIS CB  HB2  sing N N 138 
HIS CB  HB3  sing N N 139 
HIS CG  ND1  sing Y N 140 
HIS CG  CD2  doub Y N 141 
HIS ND1 CE1  doub Y N 142 
HIS ND1 HD1  sing N N 143 
HIS CD2 NE2  sing Y N 144 
HIS CD2 HD2  sing N N 145 
HIS CE1 NE2  sing Y N 146 
HIS CE1 HE1  sing N N 147 
HIS NE2 HE2  sing N N 148 
HIS OXT HXT  sing N N 149 
ILE N   CA   sing N N 150 
ILE N   H    sing N N 151 
ILE N   H2   sing N N 152 
ILE CA  C    sing N N 153 
ILE CA  CB   sing N N 154 
ILE CA  HA   sing N N 155 
ILE C   O    doub N N 156 
ILE C   OXT  sing N N 157 
ILE CB  CG1  sing N N 158 
ILE CB  CG2  sing N N 159 
ILE CB  HB   sing N N 160 
ILE CG1 CD1  sing N N 161 
ILE CG1 HG12 sing N N 162 
ILE CG1 HG13 sing N N 163 
ILE CG2 HG21 sing N N 164 
ILE CG2 HG22 sing N N 165 
ILE CG2 HG23 sing N N 166 
ILE CD1 HD11 sing N N 167 
ILE CD1 HD12 sing N N 168 
ILE CD1 HD13 sing N N 169 
ILE OXT HXT  sing N N 170 
LYS N   CA   sing N N 171 
LYS N   H    sing N N 172 
LYS N   H2   sing N N 173 
LYS CA  C    sing N N 174 
LYS CA  CB   sing N N 175 
LYS CA  HA   sing N N 176 
LYS C   O    doub N N 177 
LYS C   OXT  sing N N 178 
LYS CB  CG   sing N N 179 
LYS CB  HB2  sing N N 180 
LYS CB  HB3  sing N N 181 
LYS CG  CD   sing N N 182 
LYS CG  HG2  sing N N 183 
LYS CG  HG3  sing N N 184 
LYS CD  CE   sing N N 185 
LYS CD  HD2  sing N N 186 
LYS CD  HD3  sing N N 187 
LYS CE  NZ   sing N N 188 
LYS CE  HE2  sing N N 189 
LYS CE  HE3  sing N N 190 
LYS NZ  HZ1  sing N N 191 
LYS NZ  HZ2  sing N N 192 
LYS NZ  HZ3  sing N N 193 
LYS OXT HXT  sing N N 194 
MET N   CA   sing N N 195 
MET N   H    sing N N 196 
MET N   H2   sing N N 197 
MET CA  C    sing N N 198 
MET CA  CB   sing N N 199 
MET CA  HA   sing N N 200 
MET C   O    doub N N 201 
MET C   OXT  sing N N 202 
MET CB  CG   sing N N 203 
MET CB  HB2  sing N N 204 
MET CB  HB3  sing N N 205 
MET CG  SD   sing N N 206 
MET CG  HG2  sing N N 207 
MET CG  HG3  sing N N 208 
MET SD  CE   sing N N 209 
MET CE  HE1  sing N N 210 
MET CE  HE2  sing N N 211 
MET CE  HE3  sing N N 212 
MET OXT HXT  sing N N 213 
PHE N   CA   sing N N 214 
PHE N   H    sing N N 215 
PHE N   H2   sing N N 216 
PHE CA  C    sing N N 217 
PHE CA  CB   sing N N 218 
PHE CA  HA   sing N N 219 
PHE C   O    doub N N 220 
PHE C   OXT  sing N N 221 
PHE CB  CG   sing N N 222 
PHE CB  HB2  sing N N 223 
PHE CB  HB3  sing N N 224 
PHE CG  CD1  doub Y N 225 
PHE CG  CD2  sing Y N 226 
PHE CD1 CE1  sing Y N 227 
PHE CD1 HD1  sing N N 228 
PHE CD2 CE2  doub Y N 229 
PHE CD2 HD2  sing N N 230 
PHE CE1 CZ   doub Y N 231 
PHE CE1 HE1  sing N N 232 
PHE CE2 CZ   sing Y N 233 
PHE CE2 HE2  sing N N 234 
PHE CZ  HZ   sing N N 235 
PHE OXT HXT  sing N N 236 
PRO N   CA   sing N N 237 
PRO N   CD   sing N N 238 
PRO N   H    sing N N 239 
PRO CA  C    sing N N 240 
PRO CA  CB   sing N N 241 
PRO CA  HA   sing N N 242 
PRO C   O    doub N N 243 
PRO C   OXT  sing N N 244 
PRO CB  CG   sing N N 245 
PRO CB  HB2  sing N N 246 
PRO CB  HB3  sing N N 247 
PRO CG  CD   sing N N 248 
PRO CG  HG2  sing N N 249 
PRO CG  HG3  sing N N 250 
PRO CD  HD2  sing N N 251 
PRO CD  HD3  sing N N 252 
PRO OXT HXT  sing N N 253 
SER N   CA   sing N N 254 
SER N   H    sing N N 255 
SER N   H2   sing N N 256 
SER CA  C    sing N N 257 
SER CA  CB   sing N N 258 
SER CA  HA   sing N N 259 
SER C   O    doub N N 260 
SER C   OXT  sing N N 261 
SER CB  OG   sing N N 262 
SER CB  HB2  sing N N 263 
SER CB  HB3  sing N N 264 
SER OG  HG   sing N N 265 
SER OXT HXT  sing N N 266 
THR N   CA   sing N N 267 
THR N   H    sing N N 268 
THR N   H2   sing N N 269 
THR CA  C    sing N N 270 
THR CA  CB   sing N N 271 
THR CA  HA   sing N N 272 
THR C   O    doub N N 273 
THR C   OXT  sing N N 274 
THR CB  OG1  sing N N 275 
THR CB  CG2  sing N N 276 
THR CB  HB   sing N N 277 
THR OG1 HG1  sing N N 278 
THR CG2 HG21 sing N N 279 
THR CG2 HG22 sing N N 280 
THR CG2 HG23 sing N N 281 
THR OXT HXT  sing N N 282 
TRP N   CA   sing N N 283 
TRP N   H    sing N N 284 
TRP N   H2   sing N N 285 
TRP CA  C    sing N N 286 
TRP CA  CB   sing N N 287 
TRP CA  HA   sing N N 288 
TRP C   O    doub N N 289 
TRP C   OXT  sing N N 290 
TRP CB  CG   sing N N 291 
TRP CB  HB2  sing N N 292 
TRP CB  HB3  sing N N 293 
TRP CG  CD1  doub Y N 294 
TRP CG  CD2  sing Y N 295 
TRP CD1 NE1  sing Y N 296 
TRP CD1 HD1  sing N N 297 
TRP CD2 CE2  doub Y N 298 
TRP CD2 CE3  sing Y N 299 
TRP NE1 CE2  sing Y N 300 
TRP NE1 HE1  sing N N 301 
TRP CE2 CZ2  sing Y N 302 
TRP CE3 CZ3  doub Y N 303 
TRP CE3 HE3  sing N N 304 
TRP CZ2 CH2  doub Y N 305 
TRP CZ2 HZ2  sing N N 306 
TRP CZ3 CH2  sing Y N 307 
TRP CZ3 HZ3  sing N N 308 
TRP CH2 HH2  sing N N 309 
TRP OXT HXT  sing N N 310 
TYR N   CA   sing N N 311 
TYR N   H    sing N N 312 
TYR N   H2   sing N N 313 
TYR CA  C    sing N N 314 
TYR CA  CB   sing N N 315 
TYR CA  HA   sing N N 316 
TYR C   O    doub N N 317 
TYR C   OXT  sing N N 318 
TYR CB  CG   sing N N 319 
TYR CB  HB2  sing N N 320 
TYR CB  HB3  sing N N 321 
TYR CG  CD1  doub Y N 322 
TYR CG  CD2  sing Y N 323 
TYR CD1 CE1  sing Y N 324 
TYR CD1 HD1  sing N N 325 
TYR CD2 CE2  doub Y N 326 
TYR CD2 HD2  sing N N 327 
TYR CE1 CZ   doub Y N 328 
TYR CE1 HE1  sing N N 329 
TYR CE2 CZ   sing Y N 330 
TYR CE2 HE2  sing N N 331 
TYR CZ  OH   sing N N 332 
TYR OH  HH   sing N N 333 
TYR OXT HXT  sing N N 334 
VAL N   CA   sing N N 335 
VAL N   H    sing N N 336 
VAL N   H2   sing N N 337 
VAL CA  C    sing N N 338 
VAL CA  CB   sing N N 339 
VAL CA  HA   sing N N 340 
VAL C   O    doub N N 341 
VAL C   OXT  sing N N 342 
VAL CB  CG1  sing N N 343 
VAL CB  CG2  sing N N 344 
VAL CB  HB   sing N N 345 
VAL CG1 HG11 sing N N 346 
VAL CG1 HG12 sing N N 347 
VAL CG1 HG13 sing N N 348 
VAL CG2 HG21 sing N N 349 
VAL CG2 HG22 sing N N 350 
VAL CG2 HG23 sing N N 351 
VAL OXT HXT  sing N N 352 
# 
_em_image_processing.id                   1 
_em_image_processing.image_recording_id   1 
_em_image_processing.details              ? 
# 
_em_image_recording.avg_electron_dose_per_image   24 
_em_image_recording.details                       ? 
_em_image_recording.id                            1 
_em_image_recording.film_or_detector_model        'KODAK SO-163 FILM' 
_em_image_recording.imaging_id                    1 
_em_image_recording.detector_mode                 ? 
_em_image_recording.average_exposure_time         ? 
_em_image_recording.num_diffraction_images        ? 
_em_image_recording.num_grids_imaged              ? 
_em_image_recording.num_real_images               ? 
# 
loop_
_em_software.id 
_em_software.name 
_em_software.version 
_em_software.category 
_em_software.details 
_em_software.image_processing_id 
1 EM3DR ? RECONSTRUCTION ? 1 
2 EMPFT ? RECONSTRUCTION ? 1 
# 
_em_specimen.experiment_id           1 
_em_specimen.id                      1 
_em_specimen.concentration           2 
_em_specimen.vitrification_applied   YES 
_em_specimen.staining_applied        NO 
_em_specimen.embedding_applied       NO 
_em_specimen.shadowing_applied       NO 
_em_specimen.details                 ? 
# 
_pdbx_initial_refinement_model.id               1 
_pdbx_initial_refinement_model.type             'experimental model' 
_pdbx_initial_refinement_model.source_name      PDB 
_pdbx_initial_refinement_model.accession_code   1OJV 
# 
_atom_sites.entry_id                    2QZD 
_atom_sites.fract_transf_matrix[1][1]   1.000000 
_atom_sites.fract_transf_matrix[1][2]   0.000000 
_atom_sites.fract_transf_matrix[1][3]   0.000000 
_atom_sites.fract_transf_matrix[2][1]   0.000000 
_atom_sites.fract_transf_matrix[2][2]   1.000000 
_atom_sites.fract_transf_matrix[2][3]   0.000000 
_atom_sites.fract_transf_matrix[3][1]   0.000000 
_atom_sites.fract_transf_matrix[3][2]   0.000000 
_atom_sites.fract_transf_matrix[3][3]   1.000000 
_atom_sites.fract_transf_vector[1]      0.00000 
_atom_sites.fract_transf_vector[2]      0.00000 
_atom_sites.fract_transf_vector[3]      0.00000 
# 
loop_
_atom_type.symbol 
C 
N 
O 
S 
# 
loop_
_atom_site.group_PDB 
_atom_site.id 
_atom_site.type_symbol 
_atom_site.label_atom_id 
_atom_site.label_alt_id 
_atom_site.label_comp_id 
_atom_site.label_asym_id 
_atom_site.label_entity_id 
_atom_site.label_seq_id 
_atom_site.pdbx_PDB_ins_code 
_atom_site.Cartn_x 
_atom_site.Cartn_y 
_atom_site.Cartn_z 
_atom_site.occupancy 
_atom_site.B_iso_or_equiv 
_atom_site.pdbx_formal_charge 
_atom_site.auth_seq_id 
_atom_site.auth_comp_id 
_atom_site.auth_asym_id 
_atom_site.auth_atom_id 
_atom_site.pdbx_PDB_model_num 
ATOM 1   N N   . GLU A 1 1  ? 14.503  11.399  9.434   1.00 71.63  ? 1190 GLU A N   1 
ATOM 2   C CA  . GLU A 1 1  ? 13.214  10.855  8.999   1.00 71.32  ? 1190 GLU A CA  1 
ATOM 3   C C   . GLU A 1 1  ? 13.211  9.340   8.830   1.00 60.30  ? 1190 GLU A C   1 
ATOM 4   O O   . GLU A 1 1  ? 13.978  8.792   8.038   1.00 65.16  ? 1190 GLU A O   1 
ATOM 5   C CB  . GLU A 1 1  ? 12.774  11.509  7.694   1.00 80.41  ? 1190 GLU A CB  1 
ATOM 6   C CG  . GLU A 1 1  ? 11.286  11.448  7.452   1.00 79.83  ? 1190 GLU A CG  1 
ATOM 7   C CD  . GLU A 1 1  ? 10.927  11.681  6.002   1.00 85.36  ? 1190 GLU A CD  1 
ATOM 8   O OE1 . GLU A 1 1  ? 10.534  10.709  5.323   1.00 76.53  ? 1190 GLU A OE1 1 
ATOM 9   O OE2 . GLU A 1 1  ? 11.053  12.831  5.536   1.00 100.24 ? 1190 GLU A OE2 1 
ATOM 10  N N   . ILE A 1 2  ? 12.298  8.675   9.531   1.00 51.24  ? 1191 ILE A N   1 
ATOM 11  C CA  . ILE A 1 2  ? 12.148  7.224   9.434   1.00 41.75  ? 1191 ILE A CA  1 
ATOM 12  C C   . ILE A 1 2  ? 11.327  6.868   8.198   1.00 36.72  ? 1191 ILE A C   1 
ATOM 13  O O   . ILE A 1 2  ? 10.286  7.474   7.932   1.00 35.39  ? 1191 ILE A O   1 
ATOM 14  C CB  . ILE A 1 2  ? 11.436  6.636   10.680  1.00 35.04  ? 1191 ILE A CB  1 
ATOM 15  C CG1 . ILE A 1 2  ? 12.324  6.752   11.919  1.00 37.09  ? 1191 ILE A CG1 1 
ATOM 16  C CG2 . ILE A 1 2  ? 11.052  5.187   10.434  1.00 28.43  ? 1191 ILE A CG2 1 
ATOM 17  C CD1 . ILE A 1 2  ? 11.546  6.880   13.218  1.00 32.32  ? 1191 ILE A CD1 1 
ATOM 18  N N   . TYR A 1 3  ? 11.807  5.889   7.441   1.00 36.02  ? 1192 TYR A N   1 
ATOM 19  C CA  . TYR A 1 3  ? 11.126  5.464   6.226   1.00 33.19  ? 1192 TYR A CA  1 
ATOM 20  C C   . TYR A 1 3  ? 10.528  4.082   6.408   1.00 23.01  ? 1192 TYR A C   1 
ATOM 21  O O   . TYR A 1 3  ? 11.139  3.211   7.028   1.00 29.28  ? 1192 TYR A O   1 
ATOM 22  C CB  . TYR A 1 3  ? 12.106  5.440   5.041   1.00 50.07  ? 1192 TYR A CB  1 
ATOM 23  C CG  . TYR A 1 3  ? 12.594  6.800   4.596   1.00 61.68  ? 1192 TYR A CG  1 
ATOM 24  C CD1 . TYR A 1 3  ? 11.706  7.779   4.185   1.00 60.88  ? 1192 TYR A CD1 1 
ATOM 25  C CD2 . TYR A 1 3  ? 13.951  7.099   4.573   1.00 75.06  ? 1192 TYR A CD2 1 
ATOM 26  C CE1 . TYR A 1 3  ? 12.150  9.023   3.783   1.00 74.39  ? 1192 TYR A CE1 1 
ATOM 27  C CE2 . TYR A 1 3  ? 14.405  8.343   4.179   1.00 83.05  ? 1192 TYR A CE2 1 
ATOM 28  C CZ  . TYR A 1 3  ? 13.501  9.299   3.778   1.00 83.22  ? 1192 TYR A CZ  1 
ATOM 29  O OH  . TYR A 1 3  ? 13.951  10.539  3.373   1.00 89.35  ? 1192 TYR A OH  1 
ATOM 30  N N   . CYS A 1 4  ? 9.334   3.879   5.866   1.00 18.23  ? 1193 CYS A N   1 
ATOM 31  C CA  . CYS A 1 4  ? 8.719   2.562   5.895   1.00 15.66  ? 1193 CYS A CA  1 
ATOM 32  C C   . CYS A 1 4  ? 9.379   1.759   4.790   1.00 24.36  ? 1193 CYS A C   1 
ATOM 33  O O   . CYS A 1 4  ? 9.932   2.331   3.843   1.00 34.38  ? 1193 CYS A O   1 
ATOM 34  C CB  . CYS A 1 4  ? 7.219   2.655   5.605   1.00 15.18  ? 1193 CYS A CB  1 
ATOM 35  S SG  . CYS A 1 4  ? 6.156   2.787   7.074   1.00 13.19  ? 1193 CYS A SG  1 
ATOM 36  N N   . PRO A 1 5  ? 9.309   0.438   4.893   1.00 31.06  ? 1194 PRO A N   1 
ATOM 37  C CA  . PRO A 1 5  ? 9.824   -0.426  3.835   1.00 47.36  ? 1194 PRO A CA  1 
ATOM 38  C C   . PRO A 1 5  ? 9.006   -0.146  2.576   1.00 44.04  ? 1194 PRO A C   1 
ATOM 39  O O   . PRO A 1 5  ? 7.909   0.417   2.653   1.00 31.83  ? 1194 PRO A O   1 
ATOM 40  C CB  . PRO A 1 5  ? 9.529   -1.842  4.356   1.00 56.15  ? 1194 PRO A CB  1 
ATOM 41  C CG  . PRO A 1 5  ? 8.492   -1.659  5.435   1.00 43.07  ? 1194 PRO A CG  1 
ATOM 42  C CD  . PRO A 1 5  ? 8.764   -0.326  6.029   1.00 30.43  ? 1194 PRO A CD  1 
ATOM 43  N N   . ALA A 1 6  ? 9.555   -0.482  1.415   1.00 58.21  ? 1195 ALA A N   1 
ATOM 44  C CA  . ALA A 1 6  ? 8.833   -0.282  0.163   1.00 61.03  ? 1195 ALA A CA  1 
ATOM 45  C C   . ALA A 1 6  ? 7.462   -0.932  0.288   1.00 56.06  ? 1195 ALA A C   1 
ATOM 46  O O   . ALA A 1 6  ? 7.336   -2.025  0.843   1.00 58.01  ? 1195 ALA A O   1 
ATOM 47  C CB  . ALA A 1 6  ? 9.602   -0.892  -1.002  1.00 81.31  ? 1195 ALA A CB  1 
ATOM 48  N N   . PRO A 1 7  ? 6.431   -0.241  -0.181  1.00 50.17  ? 1196 PRO A N   1 
ATOM 49  C CA  . PRO A 1 7  ? 5.075   -0.779  -0.093  1.00 46.21  ? 1196 PRO A CA  1 
ATOM 50  C C   . PRO A 1 7  ? 4.978   -2.045  -0.928  1.00 55.18  ? 1196 PRO A C   1 
ATOM 51  O O   . PRO A 1 7  ? 5.656   -2.185  -1.949  1.00 67.67  ? 1196 PRO A O   1 
ATOM 52  C CB  . PRO A 1 7  ? 4.210   0.336   -0.697  1.00 46.00  ? 1196 PRO A CB  1 
ATOM 53  C CG  . PRO A 1 7  ? 5.144   1.117   -1.557  1.00 55.32  ? 1196 PRO A CG  1 
ATOM 54  C CD  . PRO A 1 7  ? 6.458   1.072   -0.850  1.00 54.45  ? 1196 PRO A CD  1 
ATOM 55  N N   . PRO A 1 8  ? 4.156   -2.982  -0.478  1.00 53.55  ? 1197 PRO A N   1 
ATOM 56  C CA  . PRO A 1 8  ? 4.002   -4.240  -1.183  1.00 64.33  ? 1197 PRO A CA  1 
ATOM 57  C C   . PRO A 1 8  ? 3.176   -4.071  -2.456  1.00 62.87  ? 1197 PRO A C   1 
ATOM 58  O O   . PRO A 1 8  ? 2.235   -3.273  -2.507  1.00 54.56  ? 1197 PRO A O   1 
ATOM 59  C CB  . PRO A 1 8  ? 3.249   -5.113  -0.173  1.00 63.88  ? 1197 PRO A CB  1 
ATOM 60  C CG  . PRO A 1 8  ? 2.470   -4.151  0.636   1.00 53.72  ? 1197 PRO A CG  1 
ATOM 61  C CD  . PRO A 1 8  ? 3.345   -2.937  0.753   1.00 48.66  ? 1197 PRO A CD  1 
ATOM 62  N N   . GLN A 1 9  ? 3.522   -4.866  -3.455  1.00 75.05  ? 1198 GLN A N   1 
ATOM 63  C CA  . GLN A 1 9  ? 2.813   -4.888  -4.716  1.00 75.84  ? 1198 GLN A CA  1 
ATOM 64  C C   . GLN A 1 9  ? 1.751   -5.943  -4.590  1.00 71.32  ? 1198 GLN A C   1 
ATOM 65  O O   . GLN A 1 9  ? 1.882   -6.867  -3.784  1.00 76.70  ? 1198 GLN A O   1 
ATOM 66  C CB  . GLN A 1 9  ? 3.769   -5.286  -5.856  1.00 91.51  ? 1198 GLN A CB  1 
ATOM 67  C CG  . GLN A 1 9  ? 4.954   -4.352  -6.036  1.00 97.68  ? 1198 GLN A CG  1 
ATOM 68  C CD  . GLN A 1 9  ? 4.543   -2.974  -6.509  1.00 93.96  ? 1198 GLN A CD  1 
ATOM 69  O OE1 . GLN A 1 9  ? 5.195   -1.985  -6.200  1.00 94.54  ? 1198 GLN A OE1 1 
ATOM 70  N NE2 . GLN A 1 9  ? 3.468   -2.909  -7.279  1.00 90.80  ? 1198 GLN A NE2 1 
ATOM 71  N N   . ILE A 1 10 ? 0.721   -5.848  -5.421  1.00 66.95  ? 1199 ILE A N   1 
ATOM 72  C CA  . ILE A 1 10 ? -0.339  -6.846  -5.390  1.00 67.47  ? 1199 ILE A CA  1 
ATOM 73  C C   . ILE A 1 10 ? -0.594  -7.436  -6.778  1.00 73.78  ? 1199 ILE A C   1 
ATOM 74  O O   . ILE A 1 10 ? -0.311  -6.806  -7.792  1.00 74.15  ? 1199 ILE A O   1 
ATOM 75  C CB  . ILE A 1 10 ? -1.652  -6.253  -4.812  1.00 55.55  ? 1199 ILE A CB  1 
ATOM 76  C CG1 . ILE A 1 10 ? -2.120  -5.063  -5.658  1.00 50.41  ? 1199 ILE A CG1 1 
ATOM 77  C CG2 . ILE A 1 10 ? -1.447  -5.822  -3.357  1.00 50.24  ? 1199 ILE A CG2 1 
ATOM 78  C CD1 . ILE A 1 10 ? -3.391  -4.402  -5.157  1.00 47.62  ? 1199 ILE A CD1 1 
ATOM 79  N N   . ASP A 1 11 ? -1.096  -8.664  -6.809  1.00 79.14  ? 1200 ASP A N   1 
ATOM 80  C CA  . ASP A 1 11 ? -1.406  -9.341  -8.070  1.00 84.81  ? 1200 ASP A CA  1 
ATOM 81  C C   . ASP A 1 11 ? -2.605  -8.666  -8.745  1.00 77.93  ? 1200 ASP A C   1 
ATOM 82  O O   . ASP A 1 11 ? -3.620  -8.414  -8.107  1.00 70.18  ? 1200 ASP A O   1 
ATOM 83  C CB  . ASP A 1 11 ? -1.740  -10.826 -7.819  1.00 90.97  ? 1200 ASP A CB  1 
ATOM 84  C CG  . ASP A 1 11 ? -0.554  -11.624 -7.265  1.00 102.34 ? 1200 ASP A CG  1 
ATOM 85  O OD1 . ASP A 1 11 ? 0.608   -11.182 -7.422  1.00 107.00 ? 1200 ASP A OD1 1 
ATOM 86  O OD2 . ASP A 1 11 ? -0.787  -12.717 -6.701  1.00 107.32 ? 1200 ASP A OD2 1 
ATOM 87  N N   . ASN A 1 12 ? -2.486  -8.394  -10.040 1.00 81.75  ? 1201 ASN A N   1 
ATOM 88  C CA  . ASN A 1 12 ? -3.586  -7.819  -10.815 1.00 77.06  ? 1201 ASN A CA  1 
ATOM 89  C C   . ASN A 1 12 ? -4.055  -6.467  -10.300 1.00 69.28  ? 1201 ASN A C   1 
ATOM 90  O O   . ASN A 1 12 ? -5.233  -6.123  -10.405 1.00 65.09  ? 1201 ASN A O   1 
ATOM 91  C CB  . ASN A 1 12 ? -4.756  -8.795  -10.879 1.00 73.73  ? 1201 ASN A CB  1 
ATOM 92  C CG  . ASN A 1 12 ? -4.386  -10.098 -11.560 1.00 79.00  ? 1201 ASN A CG  1 
ATOM 93  O OD1 . ASN A 1 12 ? -3.866  -10.100 -12.679 1.00 82.03  ? 1201 ASN A OD1 1 
ATOM 94  N ND2 . ASN A 1 12 ? -4.593  -11.210 -10.866 1.00 78.67  ? 1201 ASN A ND2 1 
ATOM 95  N N   . GLY A 1 13 ? -3.115  -5.691  -9.774  1.00 71.03  ? 1202 GLY A N   1 
ATOM 96  C CA  . GLY A 1 13 ? -3.405  -4.359  -9.276  1.00 65.59  ? 1202 GLY A CA  1 
ATOM 97  C C   . GLY A 1 13 ? -2.112  -3.561  -9.249  1.00 69.70  ? 1202 GLY A C   1 
ATOM 98  O O   . GLY A 1 13 ? -1.023  -4.114  -9.428  1.00 75.50  ? 1202 GLY A O   1 
ATOM 99  N N   . ILE A 1 14 ? -2.229  -2.264  -9.019  1.00 70.62  ? 1203 ILE A N   1 
ATOM 100 C CA  . ILE A 1 14 ? -1.065  -1.404  -8.991  1.00 76.73  ? 1203 ILE A CA  1 
ATOM 101 C C   . ILE A 1 14 ? -1.105  -0.447  -7.812  1.00 69.95  ? 1203 ILE A C   1 
ATOM 102 O O   . ILE A 1 14 ? -2.129  -0.294  -7.143  1.00 65.76  ? 1203 ILE A O   1 
ATOM 103 C CB  . ILE A 1 14 ? -0.981  -0.552  -10.276 1.00 88.25  ? 1203 ILE A CB  1 
ATOM 104 C CG1 . ILE A 1 14 ? -2.154  0.435   -10.320 1.00 89.83  ? 1203 ILE A CG1 1 
ATOM 105 C CG2 . ILE A 1 14 ? -0.971  -1.446  -11.520 1.00 94.26  ? 1203 ILE A CG2 1 
ATOM 106 C CD1 . ILE A 1 14 ? -2.251  1.212   -11.599 1.00 102.29 ? 1203 ILE A CD1 1 
ATOM 107 N N   . ILE A 1 15 ? 0.016   0.229   -7.597  1.00 74.58  ? 1204 ILE A N   1 
ATOM 108 C CA  . ILE A 1 15 ? 0.092   1.315   -6.647  1.00 70.74  ? 1204 ILE A CA  1 
ATOM 109 C C   . ILE A 1 15 ? -0.030  2.591   -7.480  1.00 80.68  ? 1204 ILE A C   1 
ATOM 110 O O   . ILE A 1 15 ? 0.670   2.748   -8.476  1.00 87.77  ? 1204 ILE A O   1 
ATOM 111 C CB  . ILE A 1 15 ? 1.441   1.323   -5.918  1.00 71.56  ? 1204 ILE A CB  1 
ATOM 112 C CG1 . ILE A 1 15 ? 1.490   0.190   -4.884  1.00 62.45  ? 1204 ILE A CG1 1 
ATOM 113 C CG2 . ILE A 1 15 ? 1.697   2.691   -5.275  1.00 72.74  ? 1204 ILE A CG2 1 
ATOM 114 C CD1 . ILE A 1 15 ? 2.870   -0.090  -4.354  1.00 65.54  ? 1204 ILE A CD1 1 
ATOM 115 N N   . GLN A 1 16 ? -0.976  3.445   -7.136  1.00 83.44  ? 1205 GLN A N   1 
ATOM 116 C CA  . GLN A 1 16 ? -1.179  4.695   -7.868  1.00 92.02  ? 1205 GLN A CA  1 
ATOM 117 C C   . GLN A 1 16 ? -0.086  5.722   -7.561  1.00 90.56  ? 1205 GLN A C   1 
ATOM 118 O O   . GLN A 1 16 ? -0.093  6.347   -6.503  1.00 89.00  ? 1205 GLN A O   1 
ATOM 119 C CB  . GLN A 1 16 ? -2.555  5.286   -7.549  1.00 98.25  ? 1205 GLN A CB  1 
ATOM 120 C CG  . GLN A 1 16 ? -3.710  4.578   -8.239  1.00 105.12 ? 1205 GLN A CG  1 
ATOM 121 C CD  . GLN A 1 16 ? -5.056  5.172   -7.885  1.00 115.03 ? 1205 GLN A CD  1 
ATOM 122 O OE1 . GLN A 1 16 ? -5.261  5.635   -6.767  1.00 112.67 ? 1205 GLN A OE1 1 
ATOM 123 N NE2 . GLN A 1 16 ? -5.977  5.164   -8.837  1.00 126.13 ? 1205 GLN A NE2 1 
ATOM 124 N N   . GLY A 1 17 ? 0.846   5.897   -8.495  1.00 89.72  ? 1206 GLY A N   1 
ATOM 125 C CA  . GLY A 1 17 ? 1.893   6.916   -8.372  1.00 86.72  ? 1206 GLY A CA  1 
ATOM 126 C C   . GLY A 1 17 ? 2.861   6.644   -7.235  1.00 86.96  ? 1206 GLY A C   1 
ATOM 127 O O   . GLY A 1 17 ? 3.154   7.523   -6.424  1.00 89.23  ? 1206 GLY A O   1 
ATOM 128 N N   . GLU A 1 18 ? 3.424   5.442   -7.228  1.00 87.18  ? 1207 GLU A N   1 
ATOM 129 C CA  . GLU A 1 18 ? 4.364   5.044   -6.186  1.00 87.51  ? 1207 GLU A CA  1 
ATOM 130 C C   . GLU A 1 18 ? 5.530   6.016   -6.031  1.00 89.66  ? 1207 GLU A C   1 
ATOM 131 O O   . GLU A 1 18 ? 6.173   6.405   -7.013  1.00 89.32  ? 1207 GLU A O   1 
ATOM 132 C CB  . GLU A 1 18 ? 4.890   3.632   -6.444  1.00 88.28  ? 1207 GLU A CB  1 
ATOM 133 C CG  . GLU A 1 18 ? 5.780   3.098   -5.331  1.00 87.40  ? 1207 GLU A CG  1 
ATOM 134 C CD  . GLU A 1 18 ? 6.049   1.610   -5.453  1.00 90.27  ? 1207 GLU A CD  1 
ATOM 135 O OE1 . GLU A 1 18 ? 6.743   1.060   -4.573  1.00 88.18  ? 1207 GLU A OE1 1 
ATOM 136 O OE2 . GLU A 1 18 ? 5.538   0.971   -6.395  1.00 93.30  ? 1207 GLU A OE2 1 
ATOM 137 N N   . ARG A 1 19 ? 5.841   6.340   -4.781  1.00 90.91  ? 1208 ARG A N   1 
ATOM 138 C CA  . ARG A 1 19 ? 6.928   7.250   -4.467  1.00 97.18  ? 1208 ARG A CA  1 
ATOM 139 C C   . ARG A 1 19 ? 8.165   6.439   -4.123  1.00 97.29  ? 1208 ARG A C   1 
ATOM 140 O O   . ARG A 1 19 ? 8.080   5.232   -3.877  1.00 94.20  ? 1208 ARG A O   1 
ATOM 141 C CB  . ARG A 1 19 ? 6.555   8.154   -3.287  1.00 100.36 ? 1208 ARG A CB  1 
ATOM 142 C CG  . ARG A 1 19 ? 5.694   9.351   -3.660  1.00 107.42 ? 1208 ARG A CG  1 
ATOM 143 C CD  . ARG A 1 19 ? 4.436   9.406   -2.810  1.00 106.06 ? 1208 ARG A CD  1 
ATOM 144 N NE  . ARG A 1 19 ? 4.335   10.652  -2.064  1.00 115.21 ? 1208 ARG A NE  1 
ATOM 145 C CZ  . ARG A 1 19 ? 5.276   11.112  -1.246  1.00 119.37 ? 1208 ARG A CZ  1 
ATOM 146 N NH1 . ARG A 1 19 ? 6.399   10.422  -1.067  1.00 113.81 ? 1208 ARG A NH1 1 
ATOM 147 N NH2 . ARG A 1 19 ? 5.102   12.264  -0.615  1.00 131.65 ? 1208 ARG A NH2 1 
ATOM 148 N N   . ASP A 1 20 ? 9.310   7.105   -4.098  1.00 101.64 ? 1209 ASP A N   1 
ATOM 149 C CA  . ASP A 1 20 ? 10.575  6.454   -3.799  1.00 101.99 ? 1209 ASP A CA  1 
ATOM 150 C C   . ASP A 1 20 ? 10.694  6.161   -2.309  1.00 100.31 ? 1209 ASP A C   1 
ATOM 151 O O   . ASP A 1 20 ? 11.235  5.129   -1.908  1.00 96.96  ? 1209 ASP A O   1 
ATOM 152 C CB  . ASP A 1 20 ? 11.735  7.344   -4.250  1.00 102.66 ? 1209 ASP A CB  1 
ATOM 153 C CG  . ASP A 1 20 ? 13.021  6.571   -4.447  1.00 100.87 ? 1209 ASP A CG  1 
ATOM 154 O OD1 . ASP A 1 20 ? 14.079  7.219   -4.595  1.00 96.23  ? 1209 ASP A OD1 1 
ATOM 155 O OD2 . ASP A 1 20 ? 12.976  5.321   -4.443  1.00 101.70 ? 1209 ASP A OD2 1 
ATOM 156 N N   . HIS A 1 21 ? 10.197  7.079   -1.493  1.00 97.23  ? 1210 HIS A N   1 
ATOM 157 C CA  . HIS A 1 21 ? 10.274  6.938   -0.048  1.00 85.29  ? 1210 HIS A CA  1 
ATOM 158 C C   . HIS A 1 21 ? 8.941   7.290   0.598   1.00 74.73  ? 1210 HIS A C   1 
ATOM 159 O O   . HIS A 1 21 ? 8.249   8.218   0.164   1.00 85.67  ? 1210 HIS A O   1 
ATOM 160 C CB  . HIS A 1 21 ? 11.387  7.850   0.528   1.00 90.38  ? 1210 HIS A CB  1 
ATOM 161 C CG  . HIS A 1 21 ? 12.774  7.413   0.168   1.00 95.52  ? 1210 HIS A CG  1 
ATOM 162 N ND1 . HIS A 1 21 ? 13.871  7.709   0.949   1.00 94.74  ? 1210 HIS A ND1 1 
ATOM 163 C CD2 . HIS A 1 21 ? 13.248  6.717   -0.894  1.00 99.93  ? 1210 HIS A CD2 1 
ATOM 164 C CE1 . HIS A 1 21 ? 14.957  7.198   0.394   1.00 99.47  ? 1210 HIS A CE1 1 
ATOM 165 N NE2 . HIS A 1 21 ? 14.605  6.584   -0.720  1.00 102.34 ? 1210 HIS A NE2 1 
ATOM 166 N N   . TYR A 1 22 ? 8.598   6.565   1.662   1.00 56.20  ? 1211 TYR A N   1 
ATOM 167 C CA  . TYR A 1 22 ? 7.381   6.854   2.424   1.00 48.84  ? 1211 TYR A CA  1 
ATOM 168 C C   . TYR A 1 22 ? 7.705   7.104   3.882   1.00 40.27  ? 1211 TYR A C   1 
ATOM 169 O O   . TYR A 1 22 ? 8.355   6.291   4.535   1.00 32.31  ? 1211 TYR A O   1 
ATOM 170 C CB  . TYR A 1 22 ? 6.359   5.729   2.294   1.00 42.60  ? 1211 TYR A CB  1 
ATOM 171 C CG  . TYR A 1 22 ? 5.749   5.633   0.918   1.00 54.88  ? 1211 TYR A CG  1 
ATOM 172 C CD1 . TYR A 1 22 ? 6.280   4.772   -0.034  1.00 58.73  ? 1211 TYR A CD1 1 
ATOM 173 C CD2 . TYR A 1 22 ? 4.687   6.452   0.547   1.00 64.42  ? 1211 TYR A CD2 1 
ATOM 174 C CE1 . TYR A 1 22 ? 5.747   4.683   -1.294  1.00 67.34  ? 1211 TYR A CE1 1 
ATOM 175 C CE2 . TYR A 1 22 ? 4.136   6.368   -0.723  1.00 71.86  ? 1211 TYR A CE2 1 
ATOM 176 C CZ  . TYR A 1 22 ? 4.667   5.472   -1.636  1.00 72.94  ? 1211 TYR A CZ  1 
ATOM 177 O OH  . TYR A 1 22 ? 4.142   5.359   -2.899  1.00 78.64  ? 1211 TYR A OH  1 
ATOM 178 N N   . GLY A 1 23 ? 7.249   8.242   4.389   1.00 47.01  ? 1212 GLY A N   1 
ATOM 179 C CA  . GLY A 1 23 ? 7.503   8.614   5.767   1.00 44.77  ? 1212 GLY A CA  1 
ATOM 180 C C   . GLY A 1 23 ? 6.254   8.485   6.620   1.00 43.23  ? 1212 GLY A C   1 
ATOM 181 O O   . GLY A 1 23 ? 5.165   8.197   6.122   1.00 44.79  ? 1212 GLY A O   1 
ATOM 182 N N   . TYR A 1 24 ? 6.414   8.764   7.904   1.00 46.94  ? 1213 TYR A N   1 
ATOM 183 C CA  . TYR A 1 24 ? 5.333   8.681   8.862   1.00 50.86  ? 1213 TYR A CA  1 
ATOM 184 C C   . TYR A 1 24 ? 4.002   9.258   8.369   1.00 58.91  ? 1213 TYR A C   1 
ATOM 185 O O   . TYR A 1 24 ? 3.906   10.445  8.033   1.00 74.48  ? 1213 TYR A O   1 
ATOM 186 C CB  . TYR A 1 24 ? 5.746   9.368   10.162  1.00 60.13  ? 1213 TYR A CB  1 
ATOM 187 C CG  . TYR A 1 24 ? 4.683   9.359   11.223  1.00 66.82  ? 1213 TYR A CG  1 
ATOM 188 C CD1 . TYR A 1 24 ? 4.107   8.173   11.649  1.00 55.92  ? 1213 TYR A CD1 1 
ATOM 189 C CD2 . TYR A 1 24 ? 4.239   10.540  11.794  1.00 83.76  ? 1213 TYR A CD2 1 
ATOM 190 C CE1 . TYR A 1 24 ? 3.151   8.159   12.652  1.00 61.67  ? 1213 TYR A CE1 1 
ATOM 191 C CE2 . TYR A 1 24 ? 3.266   10.535  12.788  1.00 89.72  ? 1213 TYR A CE2 1 
ATOM 192 C CZ  . TYR A 1 24 ? 2.748   9.343   13.225  1.00 78.95  ? 1213 TYR A CZ  1 
ATOM 193 O OH  . TYR A 1 24 ? 1.781   9.338   14.203  1.00 86.00  ? 1213 TYR A OH  1 
ATOM 194 N N   . ARG A 1 25 ? 2.961   8.428   8.425   1.00 53.38  ? 1214 ARG A N   1 
ATOM 195 C CA  . ARG A 1 25 ? 1.609   8.838   8.060   1.00 61.91  ? 1214 ARG A CA  1 
ATOM 196 C C   . ARG A 1 25 ? 1.360   9.024   6.550   1.00 67.49  ? 1214 ARG A C   1 
ATOM 197 O O   . ARG A 1 25 ? 0.232   9.266   6.135   1.00 75.44  ? 1214 ARG A O   1 
ATOM 198 C CB  . ARG A 1 25 ? 1.173   10.068  8.861   1.00 75.30  ? 1214 ARG A CB  1 
ATOM 199 C CG  . ARG A 1 25 ? 0.701   9.740   10.282  1.00 76.69  ? 1214 ARG A CG  1 
ATOM 200 C CD  . ARG A 1 25 ? -0.223  8.525   10.283  1.00 66.55  ? 1214 ARG A CD  1 
ATOM 201 N NE  . ARG A 1 25 ? -0.520  8.019   11.623  1.00 69.18  ? 1214 ARG A NE  1 
ATOM 202 C CZ  . ARG A 1 25 ? -1.544  8.423   12.375  1.00 80.46  ? 1214 ARG A CZ  1 
ATOM 203 N NH1 . ARG A 1 25 ? -1.764  7.862   13.559  1.00 87.19  ? 1214 ARG A NH1 1 
ATOM 204 N NH2 . ARG A 1 25 ? -2.352  9.385   11.951  1.00 89.28  ? 1214 ARG A NH2 1 
ATOM 205 N N   . GLN A 1 26 ? 2.416   8.897   5.741   1.00 63.61  ? 1215 GLN A N   1 
ATOM 206 C CA  . GLN A 1 26 ? 2.283   8.957   4.289   1.00 70.32  ? 1215 GLN A CA  1 
ATOM 207 C C   . GLN A 1 26 ? 1.587   7.690   3.818   1.00 65.30  ? 1215 GLN A C   1 
ATOM 208 O O   . GLN A 1 26 ? 1.759   6.621   4.396   1.00 53.29  ? 1215 GLN A O   1 
ATOM 209 C CB  . GLN A 1 26 ? 3.649   9.102   3.619   1.00 70.88  ? 1215 GLN A CB  1 
ATOM 210 C CG  . GLN A 1 26 ? 4.230   10.493  3.735   1.00 85.39  ? 1215 GLN A CG  1 
ATOM 211 C CD  . GLN A 1 26 ? 5.333   10.751  2.735   1.00 92.41  ? 1215 GLN A CD  1 
ATOM 212 O OE1 . GLN A 1 26 ? 6.213   9.922   2.537   1.00 82.32  ? 1215 GLN A OE1 1 
ATOM 213 N NE2 . GLN A 1 26 ? 5.311   11.929  2.126   1.00 111.43 ? 1215 GLN A NE2 1 
ATOM 214 N N   . SER A 1 27 ? 0.753   7.828   2.804   1.00 75.01  ? 1216 SER A N   1 
ATOM 215 C CA  . SER A 1 27 ? -0.083  6.724   2.395   1.00 70.22  ? 1216 SER A CA  1 
ATOM 216 C C   . SER A 1 27 ? 0.105   6.305   0.944   1.00 71.48  ? 1216 SER A C   1 
ATOM 217 O O   . SER A 1 27 ? 0.578   7.084   0.113   1.00 79.51  ? 1216 SER A O   1 
ATOM 218 C CB  . SER A 1 27 ? -1.553  7.053   2.676   1.00 77.26  ? 1216 SER A CB  1 
ATOM 219 O OG  . SER A 1 27 ? -2.349  6.954   1.517   1.00 82.68  ? 1216 SER A OG  1 
ATOM 220 N N   . VAL A 1 28 ? -0.186  5.034   0.675   1.00 63.24  ? 1217 VAL A N   1 
ATOM 221 C CA  . VAL A 1 28 ? -0.089  4.475   -0.664  1.00 62.70  ? 1217 VAL A CA  1 
ATOM 222 C C   . VAL A 1 28 ? -1.453  3.940   -1.063  1.00 61.56  ? 1217 VAL A C   1 
ATOM 223 O O   . VAL A 1 28 ? -2.102  3.225   -0.297  1.00 55.89  ? 1217 VAL A O   1 
ATOM 224 C CB  . VAL A 1 28 ? 0.989   3.357   -0.767  1.00 55.67  ? 1217 VAL A CB  1 
ATOM 225 C CG1 . VAL A 1 28 ? 1.677   3.154   0.562   1.00 48.81  ? 1217 VAL A CG1 1 
ATOM 226 C CG2 . VAL A 1 28 ? 0.385   2.064   -1.270  1.00 49.23  ? 1217 VAL A CG2 1 
ATOM 227 N N   . THR A 1 29 ? -1.918  4.360   -2.232  1.00 67.61  ? 1218 THR A N   1 
ATOM 228 C CA  . THR A 1 29 ? -3.234  3.978   -2.710  1.00 70.50  ? 1218 THR A CA  1 
ATOM 229 C C   . THR A 1 29 ? -3.153  2.910   -3.793  1.00 66.82  ? 1218 THR A C   1 
ATOM 230 O O   . THR A 1 29 ? -2.345  3.003   -4.718  1.00 68.84  ? 1218 THR A O   1 
ATOM 231 C CB  . THR A 1 29 ? -4.014  5.196   -3.213  1.00 83.91  ? 1218 THR A CB  1 
ATOM 232 O OG1 . THR A 1 29 ? -3.964  6.222   -2.220  1.00 88.64  ? 1218 THR A OG1 1 
ATOM 233 C CG2 . THR A 1 29 ? -5.457  4.833   -3.469  1.00 89.34  ? 1218 THR A CG2 1 
ATOM 234 N N   . TYR A 1 30 ? -3.990  1.887   -3.659  1.00 60.72  ? 1219 TYR A N   1 
ATOM 235 C CA  . TYR A 1 30 ? -4.012  0.791   -4.615  1.00 59.23  ? 1219 TYR A CA  1 
ATOM 236 C C   . TYR A 1 30 ? -5.175  0.909   -5.587  1.00 70.76  ? 1219 TYR A C   1 
ATOM 237 O O   . TYR A 1 30 ? -6.174  1.564   -5.305  1.00 78.33  ? 1219 TYR A O   1 
ATOM 238 C CB  . TYR A 1 30 ? -4.083  -0.551  -3.888  1.00 49.20  ? 1219 TYR A CB  1 
ATOM 239 C CG  . TYR A 1 30 ? -2.832  -0.889  -3.126  1.00 41.51  ? 1219 TYR A CG  1 
ATOM 240 C CD1 . TYR A 1 30 ? -2.700  -0.544  -1.786  1.00 39.74  ? 1219 TYR A CD1 1 
ATOM 241 C CD2 . TYR A 1 30 ? -1.766  -1.523  -3.751  1.00 43.43  ? 1219 TYR A CD2 1 
ATOM 242 C CE1 . TYR A 1 30 ? -1.549  -0.835  -1.085  1.00 36.15  ? 1219 TYR A CE1 1 
ATOM 243 C CE2 . TYR A 1 30 ? -0.613  -1.831  -3.056  1.00 41.68  ? 1219 TYR A CE2 1 
ATOM 244 C CZ  . TYR A 1 30 ? -0.509  -1.478  -1.724  1.00 38.17  ? 1219 TYR A CZ  1 
ATOM 245 O OH  . TYR A 1 30 ? 0.631   -1.777  -1.023  1.00 38.33  ? 1219 TYR A OH  1 
ATOM 246 N N   . ALA A 1 31 ? -5.036  0.249   -6.731  1.00 72.06  ? 1220 ALA A N   1 
ATOM 247 C CA  . ALA A 1 31 ? -6.077  0.213   -7.742  1.00 83.04  ? 1220 ALA A CA  1 
ATOM 248 C C   . ALA A 1 31 ? -6.011  -1.129  -8.473  1.00 76.11  ? 1220 ALA A C   1 
ATOM 249 O O   . ALA A 1 31 ? -4.935  -1.596  -8.826  1.00 72.59  ? 1220 ALA A O   1 
ATOM 250 C CB  . ALA A 1 31 ? -5.906  1.367   -8.718  1.00 97.67  ? 1220 ALA A CB  1 
ATOM 251 N N   . CYS A 1 32 ? -7.157  -1.777  -8.637  1.00 76.19  ? 1221 CYS A N   1 
ATOM 252 C CA  . CYS A 1 32 ? -7.202  -3.073  -9.302  1.00 69.74  ? 1221 CYS A CA  1 
ATOM 253 C C   . CYS A 1 32 ? -7.285  -2.889  -10.804 1.00 74.74  ? 1221 CYS A C   1 
ATOM 254 O O   . CYS A 1 32 ? -7.821  -1.890  -11.289 1.00 86.99  ? 1221 CYS A O   1 
ATOM 255 C CB  . CYS A 1 32 ? -8.391  -3.908  -8.806  1.00 69.18  ? 1221 CYS A CB  1 
ATOM 256 S SG  . CYS A 1 32 ? -8.196  -4.583  -7.122  1.00 62.10  ? 1221 CYS A SG  1 
ATOM 257 N N   . ASN A 1 33 ? -6.713  -3.846  -11.532 1.00 74.39  ? 1222 ASN A N   1 
ATOM 258 C CA  . ASN A 1 33 ? -6.718  -3.833  -12.988 1.00 78.79  ? 1222 ASN A CA  1 
ATOM 259 C C   . ASN A 1 33 ? -8.106  -4.134  -13.523 1.00 78.14  ? 1222 ASN A C   1 
ATOM 260 O O   . ASN A 1 33 ? -8.885  -4.833  -12.875 1.00 72.38  ? 1222 ASN A O   1 
ATOM 261 C CB  . ASN A 1 33 ? -5.746  -4.881  -13.523 1.00 77.45  ? 1222 ASN A CB  1 
ATOM 262 C CG  . ASN A 1 33 ? -4.312  -4.567  -13.191 1.00 83.34  ? 1222 ASN A CG  1 
ATOM 263 O OD1 . ASN A 1 33 ? -3.943  -3.413  -12.991 1.00 87.44  ? 1222 ASN A OD1 1 
ATOM 264 N ND2 . ASN A 1 33 ? -3.484  -5.594  -13.161 1.00 86.49  ? 1222 ASN A ND2 1 
ATOM 265 N N   . LYS A 1 34 ? -8.392  -3.632  -14.725 1.00 84.05  ? 1223 LYS A N   1 
ATOM 266 C CA  . LYS A 1 34 ? -9.686  -3.840  -15.378 1.00 83.30  ? 1223 LYS A CA  1 
ATOM 267 C C   . LYS A 1 34 ? -10.098 -5.301  -15.328 1.00 74.34  ? 1223 LYS A C   1 
ATOM 268 O O   . LYS A 1 34 ? -9.350  -6.173  -15.756 1.00 69.40  ? 1223 LYS A O   1 
ATOM 269 C CB  . LYS A 1 34 ? -9.624  -3.381  -16.839 1.00 91.54  ? 1223 LYS A CB  1 
ATOM 270 C CG  . LYS A 1 34 ? -10.994 -3.129  -17.474 1.00 96.74  ? 1223 LYS A CG  1 
ATOM 271 C CD  . LYS A 1 34 ? -11.003 -3.493  -18.955 1.00 96.55  ? 1223 LYS A CD  1 
ATOM 272 C CE  . LYS A 1 34 ? -12.093 -2.732  -19.705 1.00 107.14 ? 1223 LYS A CE  1 
ATOM 273 N NZ  . LYS A 1 34 ? -13.416 -2.814  -19.013 1.00 107.92 ? 1223 LYS A NZ  1 
ATOM 274 N N   . GLY A 1 35 ? -11.272 -5.567  -14.775 1.00 75.20  ? 1224 GLY A N   1 
ATOM 275 C CA  . GLY A 1 35 ? -11.778 -6.930  -14.689 1.00 68.99  ? 1224 GLY A CA  1 
ATOM 276 C C   . GLY A 1 35 ? -11.546 -7.547  -13.317 1.00 67.33  ? 1224 GLY A C   1 
ATOM 277 O O   . GLY A 1 35 ? -11.881 -8.717  -13.088 1.00 63.96  ? 1224 GLY A O   1 
ATOM 278 N N   . PHE A 1 36 ? -10.965 -6.772  -12.408 1.00 69.53  ? 1225 PHE A N   1 
ATOM 279 C CA  . PHE A 1 36 ? -10.706 -7.254  -11.061 1.00 67.99  ? 1225 PHE A CA  1 
ATOM 280 C C   . PHE A 1 36 ? -11.397 -6.403  -10.020 1.00 72.08  ? 1225 PHE A C   1 
ATOM 281 O O   . PHE A 1 36 ? -11.571 -5.198  -10.208 1.00 76.36  ? 1225 PHE A O   1 
ATOM 282 C CB  . PHE A 1 36 ? -9.214  -7.342  -10.797 1.00 63.53  ? 1225 PHE A CB  1 
ATOM 283 C CG  . PHE A 1 36 ? -8.526  -8.387  -11.623 1.00 63.14  ? 1225 PHE A CG  1 
ATOM 284 C CD1 . PHE A 1 36 ? -8.114  -8.102  -12.916 1.00 64.12  ? 1225 PHE A CD1 1 
ATOM 285 C CD2 . PHE A 1 36 ? -8.400  -9.685  -11.153 1.00 63.29  ? 1225 PHE A CD2 1 
ATOM 286 C CE1 . PHE A 1 36 ? -7.539  -9.064  -13.704 1.00 62.49  ? 1225 PHE A CE1 1 
ATOM 287 C CE2 . PHE A 1 36 ? -7.821  -10.660 -11.936 1.00 62.27  ? 1225 PHE A CE2 1 
ATOM 288 C CZ  . PHE A 1 36 ? -7.371  -10.343 -13.213 1.00 61.78  ? 1225 PHE A CZ  1 
ATOM 289 N N   . THR A 1 37 ? -11.850 -7.049  -8.951  1.00 73.10  ? 1226 THR A N   1 
ATOM 290 C CA  . THR A 1 37 ? -12.600 -6.386  -7.902  1.00 80.33  ? 1226 THR A CA  1 
ATOM 291 C C   . THR A 1 37 ? -11.759 -6.252  -6.660  1.00 77.50  ? 1226 THR A C   1 
ATOM 292 O O   . THR A 1 37 ? -11.211 -7.232  -6.163  1.00 74.18  ? 1226 THR A O   1 
ATOM 293 C CB  . THR A 1 37 ? -13.882 -7.172  -7.571  1.00 87.17  ? 1226 THR A CB  1 
ATOM 294 O OG1 . THR A 1 37 ? -14.634 -7.354  -8.772  1.00 89.96  ? 1226 THR A OG1 1 
ATOM 295 C CG2 . THR A 1 37 ? -14.741 -6.434  -6.534  1.00 96.20  ? 1226 THR A CG2 1 
ATOM 296 N N   . MET A 1 38 ? -11.669 -5.027  -6.160  1.00 80.28  ? 1227 MET A N   1 
ATOM 297 C CA  . MET A 1 38 ? -10.887 -4.749  -4.973  1.00 77.48  ? 1227 MET A CA  1 
ATOM 298 C C   . MET A 1 38 ? -11.625 -5.244  -3.744  1.00 83.89  ? 1227 MET A C   1 
ATOM 299 O O   . MET A 1 38 ? -12.799 -4.953  -3.556  1.00 93.10  ? 1227 MET A O   1 
ATOM 300 C CB  . MET A 1 38 ? -10.621 -3.245  -4.850  1.00 78.33  ? 1227 MET A CB  1 
ATOM 301 C CG  . MET A 1 38 ? -10.253 -2.789  -3.448  1.00 77.65  ? 1227 MET A CG  1 
ATOM 302 S SD  . MET A 1 38 ? -9.588  -1.120  -3.435  1.00 79.17  ? 1227 MET A SD  1 
ATOM 303 C CE  . MET A 1 38 ? -8.380  -1.234  -4.737  1.00 72.22  ? 1227 MET A CE  1 
ATOM 304 N N   . ILE A 1 39 ? -10.928 -5.991  -2.908  1.00 81.61  ? 1228 ILE A N   1 
ATOM 305 C CA  . ILE A 1 39 ? -11.488 -6.454  -1.655  1.00 91.66  ? 1228 ILE A CA  1 
ATOM 306 C C   . ILE A 1 39 ? -10.488 -6.098  -0.575  1.00 88.01  ? 1228 ILE A C   1 
ATOM 307 O O   . ILE A 1 39 ? -9.399  -6.660  -0.521  1.00 82.16  ? 1228 ILE A O   1 
ATOM 308 C CB  . ILE A 1 39 ? -11.748 -7.978  -1.658  1.00 95.86  ? 1228 ILE A CB  1 
ATOM 309 C CG1 . ILE A 1 39 ? -12.505 -8.387  -2.927  1.00 94.86  ? 1228 ILE A CG1 1 
ATOM 310 C CG2 . ILE A 1 39 ? -12.554 -8.367  -0.430  1.00 107.89 ? 1228 ILE A CG2 1 
ATOM 311 C CD1 . ILE A 1 39 ? -13.192 -9.714  -2.816  1.00 102.67 ? 1228 ILE A CD1 1 
ATOM 312 N N   . GLY A 1 40 ? -10.810 -5.068  0.196   1.00 92.29  ? 1229 GLY A N   1 
ATOM 313 C CA  . GLY A 1 40 ? -9.915  -4.595  1.239   1.00 88.40  ? 1229 GLY A CA  1 
ATOM 314 C C   . GLY A 1 40 ? -9.781  -3.075  1.222   1.00 85.28  ? 1229 GLY A C   1 
ATOM 315 O O   . GLY A 1 40 ? -10.557 -2.371  0.571   1.00 89.57  ? 1229 GLY A O   1 
ATOM 316 N N   . GLU A 1 41 ? -8.796  -2.579  1.954   1.00 77.56  ? 1230 GLU A N   1 
ATOM 317 C CA  . GLU A 1 41 ? -8.583  -1.151  2.063   1.00 75.47  ? 1230 GLU A CA  1 
ATOM 318 C C   . GLU A 1 41 ? -8.001  -0.565  0.781   1.00 67.27  ? 1230 GLU A C   1 
ATOM 319 O O   . GLU A 1 41 ? -7.092  -1.134  0.171   1.00 59.10  ? 1230 GLU A O   1 
ATOM 320 C CB  . GLU A 1 41 ? -7.692  -0.833  3.262   1.00 72.33  ? 1230 GLU A CB  1 
ATOM 321 C CG  . GLU A 1 41 ? -8.238  -1.357  4.576   1.00 82.70  ? 1230 GLU A CG  1 
ATOM 322 C CD  . GLU A 1 41 ? -9.124  -0.350  5.285   1.00 95.09  ? 1230 GLU A CD  1 
ATOM 323 O OE1 . GLU A 1 41 ? -9.402  0.720   4.709   1.00 97.00  ? 1230 GLU A OE1 1 
ATOM 324 O OE2 . GLU A 1 41 ? -9.516  -0.617  6.437   1.00 104.37 ? 1230 GLU A OE2 1 
ATOM 325 N N   . HIS A 1 42 ? -8.544  0.573   0.374   1.00 73.33  ? 1231 HIS A N   1 
ATOM 326 C CA  . HIS A 1 42 ? -8.095  1.240   -0.837  1.00 72.73  ? 1231 HIS A CA  1 
ATOM 327 C C   . HIS A 1 42 ? -6.670  1.808   -0.697  1.00 66.14  ? 1231 HIS A C   1 
ATOM 328 O O   . HIS A 1 42 ? -6.027  2.137   -1.692  1.00 65.81  ? 1231 HIS A O   1 
ATOM 329 C CB  . HIS A 1 42 ? -9.082  2.366   -1.203  1.00 87.68  ? 1231 HIS A CB  1 
ATOM 330 C CG  . HIS A 1 42 ? -9.225  2.588   -2.673  1.00 94.18  ? 1231 HIS A CG  1 
ATOM 331 N ND1 . HIS A 1 42 ? -8.151  2.851   -3.499  1.00 91.06  ? 1231 HIS A ND1 1 
ATOM 332 C CD2 . HIS A 1 42 ? -10.317 2.574   -3.473  1.00 105.30 ? 1231 HIS A CD2 1 
ATOM 333 C CE1 . HIS A 1 42 ? -8.573  2.976   -4.742  1.00 101.80 ? 1231 HIS A CE1 1 
ATOM 334 N NE2 . HIS A 1 42 ? -9.883  2.821   -4.752  1.00 109.33 ? 1231 HIS A NE2 1 
ATOM 335 N N   . SER A 1 43 ? -6.190  1.929   0.537   1.00 61.81  ? 1232 SER A N   1 
ATOM 336 C CA  . SER A 1 43 ? -4.881  2.514   0.769   1.00 58.82  ? 1232 SER A CA  1 
ATOM 337 C C   . SER A 1 43 ? -4.374  2.160   2.160   1.00 55.74  ? 1232 SER A C   1 
ATOM 338 O O   . SER A 1 43 ? -5.156  1.880   3.063   1.00 58.79  ? 1232 SER A O   1 
ATOM 339 C CB  . SER A 1 43 ? -4.944  4.032   0.608   1.00 69.53  ? 1232 SER A CB  1 
ATOM 340 O OG  . SER A 1 43 ? -5.754  4.606   1.611   1.00 77.77  ? 1232 SER A OG  1 
ATOM 341 N N   . ILE A 1 44 ? -3.055  2.162   2.315   1.00 50.17  ? 1233 ILE A N   1 
ATOM 342 C CA  . ILE A 1 44 ? -2.436  1.915   3.606   1.00 49.21  ? 1233 ILE A CA  1 
ATOM 343 C C   . ILE A 1 44 ? -1.468  3.045   3.882   1.00 49.33  ? 1233 ILE A C   1 
ATOM 344 O O   . ILE A 1 44 ? -1.068  3.767   2.965   1.00 52.47  ? 1233 ILE A O   1 
ATOM 345 C CB  . ILE A 1 44 ? -1.704  0.557   3.659   1.00 43.53  ? 1233 ILE A CB  1 
ATOM 346 C CG1 . ILE A 1 44 ? -0.603  0.492   2.597   1.00 40.27  ? 1233 ILE A CG1 1 
ATOM 347 C CG2 . ILE A 1 44 ? -2.692  -0.579  3.480   1.00 44.18  ? 1233 ILE A CG2 1 
ATOM 348 C CD1 . ILE A 1 44 ? 0.081   -0.854  2.517   1.00 37.48  ? 1233 ILE A CD1 1 
ATOM 349 N N   . TYR A 1 45 ? -1.190  3.275   5.156   1.00 49.94  ? 1234 TYR A N   1 
ATOM 350 C CA  . TYR A 1 45 ? -0.328  4.370   5.526   1.00 49.52  ? 1234 TYR A CA  1 
ATOM 351 C C   . TYR A 1 45 ? 0.783   3.876   6.438   1.00 41.87  ? 1234 TYR A C   1 
ATOM 352 O O   . TYR A 1 45 ? 0.699   2.793   7.020   1.00 42.76  ? 1234 TYR A O   1 
ATOM 353 C CB  . TYR A 1 45 ? -1.130  5.502   6.176   1.00 57.46  ? 1234 TYR A CB  1 
ATOM 354 C CG  . TYR A 1 45 ? -1.799  5.111   7.471   1.00 58.58  ? 1234 TYR A CG  1 
ATOM 355 C CD1 . TYR A 1 45 ? -3.048  4.510   7.473   1.00 64.67  ? 1234 TYR A CD1 1 
ATOM 356 C CD2 . TYR A 1 45 ? -1.174  5.330   8.685   1.00 56.72  ? 1234 TYR A CD2 1 
ATOM 357 C CE1 . TYR A 1 45 ? -3.655  4.124   8.665   1.00 73.36  ? 1234 TYR A CE1 1 
ATOM 358 C CE2 . TYR A 1 45 ? -1.769  4.950   9.878   1.00 62.19  ? 1234 TYR A CE2 1 
ATOM 359 C CZ  . TYR A 1 45 ? -3.008  4.354   9.861   1.00 73.53  ? 1234 TYR A CZ  1 
ATOM 360 O OH  . TYR A 1 45 ? -3.601  3.991   11.040  1.00 85.32  ? 1234 TYR A OH  1 
ATOM 361 N N   . CYS A 1 46 ? 1.852   4.653   6.483   1.00 38.82  ? 1235 CYS A N   1 
ATOM 362 C CA  . CYS A 1 46 ? 3.039   4.304   7.226   1.00 31.49  ? 1235 CYS A CA  1 
ATOM 363 C C   . CYS A 1 46 ? 2.855   4.586   8.709   1.00 33.12  ? 1235 CYS A C   1 
ATOM 364 O O   . CYS A 1 46 ? 2.644   5.727   9.109   1.00 38.18  ? 1235 CYS A O   1 
ATOM 365 C CB  . CYS A 1 46 ? 4.234   5.100   6.671   1.00 27.38  ? 1235 CYS A CB  1 
ATOM 366 S SG  . CYS A 1 46 ? 5.856   4.763   7.430   1.00 19.52  ? 1235 CYS A SG  1 
ATOM 367 N N   . THR A 1 47 ? 2.943   3.537   9.524   1.00 34.49  ? 1236 THR A N   1 
ATOM 368 C CA  . THR A 1 47 ? 2.915   3.700   10.970  1.00 40.56  ? 1236 THR A CA  1 
ATOM 369 C C   . THR A 1 47 ? 4.361   3.684   11.488  1.00 35.66  ? 1236 THR A C   1 
ATOM 370 O O   . THR A 1 47 ? 5.196   2.909   11.003  1.00 31.44  ? 1236 THR A O   1 
ATOM 371 C CB  . THR A 1 47 ? 2.075   2.598   11.685  1.00 51.63  ? 1236 THR A CB  1 
ATOM 372 O OG1 . THR A 1 47 ? 2.864   1.423   11.877  1.00 52.76  ? 1236 THR A OG1 1 
ATOM 373 C CG2 . THR A 1 47 ? 0.823   2.250   10.873  1.00 56.67  ? 1236 THR A CG2 1 
ATOM 374 N N   . VAL A 1 48 ? 4.687   4.594   12.401  1.00 38.94  ? 1237 VAL A N   1 
ATOM 375 C CA  . VAL A 1 48 ? 6.046   4.642   12.930  1.00 37.53  ? 1237 VAL A CA  1 
ATOM 376 C C   . VAL A 1 48 ? 6.094   4.390   14.423  1.00 46.49  ? 1237 VAL A C   1 
ATOM 377 O O   . VAL A 1 48 ? 5.600   5.187   15.215  1.00 54.50  ? 1237 VAL A O   1 
ATOM 378 C CB  . VAL A 1 48 ? 6.801   5.949   12.585  1.00 37.68  ? 1237 VAL A CB  1 
ATOM 379 C CG1 . VAL A 1 48 ? 8.107   6.016   13.358  1.00 37.38  ? 1237 VAL A CG1 1 
ATOM 380 C CG2 . VAL A 1 48 ? 7.084   6.025   11.103  1.00 30.44  ? 1237 VAL A CG2 1 
ATOM 381 N N   . ASN A 1 49 ? 6.696   3.268   14.801  1.00 50.05  ? 1238 ASN A N   1 
ATOM 382 C CA  . ASN A 1 49 ? 6.800   2.902   16.205  1.00 62.00  ? 1238 ASN A CA  1 
ATOM 383 C C   . ASN A 1 49 ? 8.208   2.424   16.596  1.00 63.02  ? 1238 ASN A C   1 
ATOM 384 O O   . ASN A 1 49 ? 8.892   1.746   15.821  1.00 60.80  ? 1238 ASN A O   1 
ATOM 385 C CB  . ASN A 1 49 ? 5.721   1.881   16.578  1.00 72.59  ? 1238 ASN A CB  1 
ATOM 386 C CG  . ASN A 1 49 ? 4.330   2.510   16.659  1.00 74.99  ? 1238 ASN A CG  1 
ATOM 387 O OD1 . ASN A 1 49 ? 3.574   2.501   15.692  1.00 70.28  ? 1238 ASN A OD1 1 
ATOM 388 N ND2 . ASN A 1 49 ? 4.025   3.123   17.791  1.00 85.36  ? 1238 ASN A ND2 1 
ATOM 389 N N   . ASN A 1 50 ? 8.642   2.824   17.790  1.00 69.21  ? 1239 ASN A N   1 
ATOM 390 C CA  . ASN A 1 50 ? 10.005  2.549   18.279  1.00 73.61  ? 1239 ASN A CA  1 
ATOM 391 C C   . ASN A 1 50 ? 11.088  2.739   17.215  1.00 62.65  ? 1239 ASN A C   1 
ATOM 392 O O   . ASN A 1 50 ? 12.000  1.923   17.080  1.00 69.71  ? 1239 ASN A O   1 
ATOM 393 C CB  . ASN A 1 50 ? 10.114  1.184   18.967  1.00 89.61  ? 1239 ASN A CB  1 
ATOM 394 C CG  . ASN A 1 50 ? 9.435   1.163   20.328  1.00 99.20  ? 1239 ASN A CG  1 
ATOM 395 O OD1 . ASN A 1 50 ? 9.688   2.019   21.175  1.00 98.57  ? 1239 ASN A OD1 1 
ATOM 396 N ND2 . ASN A 1 50 ? 8.558   0.188   20.541  1.00 108.63 ? 1239 ASN A ND2 1 
ATOM 397 N N   . ASP A 1 51 ? 10.966  3.830   16.469  1.00 49.45  ? 1240 ASP A N   1 
ATOM 398 C CA  . ASP A 1 51 ? 11.937  4.199   15.449  1.00 43.28  ? 1240 ASP A CA  1 
ATOM 399 C C   . ASP A 1 51 ? 11.958  3.278   14.233  1.00 43.38  ? 1240 ASP A C   1 
ATOM 400 O O   . ASP A 1 51 ? 12.879  3.337   13.416  1.00 44.25  ? 1240 ASP A O   1 
ATOM 401 C CB  . ASP A 1 51 ? 13.334  4.328   16.055  1.00 49.25  ? 1240 ASP A CB  1 
ATOM 402 C CG  . ASP A 1 51 ? 13.455  5.517   16.991  1.00 42.87  ? 1240 ASP A CG  1 
ATOM 403 O OD1 . ASP A 1 51 ? 12.646  6.469   16.868  1.00 33.97  ? 1240 ASP A OD1 1 
ATOM 404 O OD2 . ASP A 1 51 ? 14.380  5.512   17.831  1.00 47.08  ? 1240 ASP A OD2 1 
ATOM 405 N N   . GLU A 1 52 ? 10.931  2.451   14.097  1.00 45.91  ? 1241 GLU A N   1 
ATOM 406 C CA  . GLU A 1 52 ? 10.818  1.576   12.946  1.00 45.54  ? 1241 GLU A CA  1 
ATOM 407 C C   . GLU A 1 52 ? 9.548   1.888   12.168  1.00 36.56  ? 1241 GLU A C   1 
ATOM 408 O O   . GLU A 1 52 ? 8.500   2.144   12.752  1.00 38.00  ? 1241 GLU A O   1 
ATOM 409 C CB  . GLU A 1 52 ? 10.812  0.111   13.371  1.00 57.03  ? 1241 GLU A CB  1 
ATOM 410 C CG  . GLU A 1 52 ? 11.092  -0.856  12.229  1.00 59.74  ? 1241 GLU A CG  1 
ATOM 411 C CD  . GLU A 1 52 ? 12.078  -1.936  12.618  1.00 77.43  ? 1241 GLU A CD  1 
ATOM 412 O OE1 . GLU A 1 52 ? 12.217  -2.199  13.833  1.00 86.95  ? 1241 GLU A OE1 1 
ATOM 413 O OE2 . GLU A 1 52 ? 12.734  -2.502  11.716  1.00 82.02  ? 1241 GLU A OE2 1 
ATOM 414 N N   . GLY A 1 53 ? 9.654   1.906   10.850  1.00 30.92  ? 1242 GLY A N   1 
ATOM 415 C CA  . GLY A 1 53 ? 8.500   2.149   10.014  1.00 23.16  ? 1242 GLY A CA  1 
ATOM 416 C C   . GLY A 1 53 ? 7.765   0.837   9.846   1.00 29.88  ? 1242 GLY A C   1 
ATOM 417 O O   . GLY A 1 53 ? 8.372   -0.233  9.874   1.00 37.91  ? 1242 GLY A O   1 
ATOM 418 N N   . GLU A 1 54 ? 6.456   0.920   9.665   1.00 30.99  ? 1243 GLU A N   1 
ATOM 419 C CA  . GLU A 1 54 ? 5.643   -0.265  9.440   1.00 40.00  ? 1243 GLU A CA  1 
ATOM 420 C C   . GLU A 1 54 ? 4.294   0.133   8.865   1.00 38.36  ? 1243 GLU A C   1 
ATOM 421 O O   . GLU A 1 54 ? 3.645   1.054   9.361   1.00 38.03  ? 1243 GLU A O   1 
ATOM 422 C CB  . GLU A 1 54 ? 5.456   -1.051  10.741  1.00 54.50  ? 1243 GLU A CB  1 
ATOM 423 C CG  . GLU A 1 54 ? 4.779   -2.386  10.556  1.00 67.03  ? 1243 GLU A CG  1 
ATOM 424 C CD  . GLU A 1 54 ? 4.035   -2.842  11.795  1.00 80.31  ? 1243 GLU A CD  1 
ATOM 425 O OE1 . GLU A 1 54 ? 3.421   -1.989  12.470  1.00 78.95  ? 1243 GLU A OE1 1 
ATOM 426 O OE2 . GLU A 1 54 ? 4.013   -4.068  12.057  1.00 94.06  ? 1243 GLU A OE2 1 
ATOM 427 N N   . TRP A 1 55 ? 3.875   -0.554  7.809   1.00 41.04  ? 1244 TRP A N   1 
ATOM 428 C CA  . TRP A 1 55 ? 2.610   -0.233  7.161   1.00 41.03  ? 1244 TRP A CA  1 
ATOM 429 C C   . TRP A 1 55 ? 1.424   -0.526  8.073   1.00 51.44  ? 1244 TRP A C   1 
ATOM 430 O O   . TRP A 1 55 ? 1.481   -1.429  8.914   1.00 60.18  ? 1244 TRP A O   1 
ATOM 431 C CB  . TRP A 1 55 ? 2.487   -0.945  5.805   1.00 41.31  ? 1244 TRP A CB  1 
ATOM 432 C CG  . TRP A 1 55 ? 3.466   -0.398  4.800   1.00 33.34  ? 1244 TRP A CG  1 
ATOM 433 C CD1 . TRP A 1 55 ? 4.674   -0.946  4.445   1.00 32.45  ? 1244 TRP A CD1 1 
ATOM 434 C CD2 . TRP A 1 55 ? 3.424   0.898   4.191   1.00 30.23  ? 1244 TRP A CD2 1 
ATOM 435 N NE1 . TRP A 1 55 ? 5.349   -0.097  3.600   1.00 29.66  ? 1244 TRP A NE1 1 
ATOM 436 C CE2 . TRP A 1 55 ? 4.606   1.043   3.429   1.00 25.34  ? 1244 TRP A CE2 1 
ATOM 437 C CE3 . TRP A 1 55 ? 2.491   1.943   4.195   1.00 32.86  ? 1244 TRP A CE3 1 
ATOM 438 C CZ2 . TRP A 1 55 ? 4.872   2.184   2.681   1.00 27.43  ? 1244 TRP A CZ2 1 
ATOM 439 C CZ3 . TRP A 1 55 ? 2.750   3.065   3.435   1.00 35.58  ? 1244 TRP A CZ3 1 
ATOM 440 C CH2 . TRP A 1 55 ? 3.927   3.175   2.682   1.00 33.55  ? 1244 TRP A CH2 1 
ATOM 441 N N   . SER A 1 56 ? 0.388   0.300   7.962   1.00 51.55  ? 1245 SER A N   1 
ATOM 442 C CA  . SER A 1 56 ? -0.787  0.196   8.823   1.00 61.83  ? 1245 SER A CA  1 
ATOM 443 C C   . SER A 1 56 ? -1.454  -1.175  8.779   1.00 68.81  ? 1245 SER A C   1 
ATOM 444 O O   . SER A 1 56 ? -2.027  -1.624  9.768   1.00 80.30  ? 1245 SER A O   1 
ATOM 445 C CB  . SER A 1 56 ? -1.803  1.292   8.480   1.00 62.27  ? 1245 SER A CB  1 
ATOM 446 O OG  . SER A 1 56 ? -2.359  1.098   7.191   1.00 58.80  ? 1245 SER A OG  1 
ATOM 447 N N   . GLY A 1 57 ? -1.407  -1.817  7.619   1.00 61.71  ? 1246 GLY A N   1 
ATOM 448 C CA  . GLY A 1 57 ? -2.023  -3.125  7.439   1.00 67.01  ? 1246 GLY A CA  1 
ATOM 449 C C   . GLY A 1 57 ? -1.695  -3.673  6.058   1.00 61.04  ? 1246 GLY A C   1 
ATOM 450 O O   . GLY A 1 57 ? -0.984  -3.039  5.288   1.00 53.15  ? 1246 GLY A O   1 
ATOM 451 N N   . PRO A 1 58 ? -2.217  -4.855  5.753   1.00 65.88  ? 1247 PRO A N   1 
ATOM 452 C CA  . PRO A 1 58 ? -1.973  -5.494  4.465   1.00 63.60  ? 1247 PRO A CA  1 
ATOM 453 C C   . PRO A 1 58 ? -2.629  -4.743  3.297   1.00 54.77  ? 1247 PRO A C   1 
ATOM 454 O O   . PRO A 1 58 ? -3.625  -4.034  3.471   1.00 53.22  ? 1247 PRO A O   1 
ATOM 455 C CB  . PRO A 1 58 ? -2.630  -6.862  4.637   1.00 74.94  ? 1247 PRO A CB  1 
ATOM 456 C CG  . PRO A 1 58 ? -3.765  -6.598  5.556   1.00 78.23  ? 1247 PRO A CG  1 
ATOM 457 C CD  . PRO A 1 58 ? -3.262  -5.552  6.525   1.00 74.59  ? 1247 PRO A CD  1 
ATOM 458 N N   . PRO A 1 59 ? -2.090  -4.940  2.099   1.00 50.47  ? 1248 PRO A N   1 
ATOM 459 C CA  . PRO A 1 59 ? -2.651  -4.322  0.906   1.00 44.04  ? 1248 PRO A CA  1 
ATOM 460 C C   . PRO A 1 59 ? -3.921  -5.072  0.515   1.00 49.01  ? 1248 PRO A C   1 
ATOM 461 O O   . PRO A 1 59 ? -4.105  -6.232  0.886   1.00 55.67  ? 1248 PRO A O   1 
ATOM 462 C CB  . PRO A 1 59 ? -1.559  -4.544  -0.146  1.00 43.66  ? 1248 PRO A CB  1 
ATOM 463 C CG  . PRO A 1 59 ? -0.816  -5.743  0.330   1.00 54.51  ? 1248 PRO A CG  1 
ATOM 464 C CD  . PRO A 1 59 ? -0.825  -5.643  1.818   1.00 56.98  ? 1248 PRO A CD  1 
ATOM 465 N N   . PRO A 1 60 ? -4.813  -4.406  -0.205  1.00 48.10  ? 1249 PRO A N   1 
ATOM 466 C CA  . PRO A 1 60 ? -6.048  -5.052  -0.624  1.00 54.54  ? 1249 PRO A CA  1 
ATOM 467 C C   . PRO A 1 60 ? -5.747  -6.206  -1.577  1.00 55.99  ? 1249 PRO A C   1 
ATOM 468 O O   . PRO A 1 60 ? -4.593  -6.461  -1.937  1.00 52.08  ? 1249 PRO A O   1 
ATOM 469 C CB  . PRO A 1 60 ? -6.798  -3.934  -1.358  1.00 53.40  ? 1249 PRO A CB  1 
ATOM 470 C CG  . PRO A 1 60 ? -5.740  -3.029  -1.841  1.00 46.99  ? 1249 PRO A CG  1 
ATOM 471 C CD  . PRO A 1 60 ? -4.660  -3.068  -0.805  1.00 43.45  ? 1249 PRO A CD  1 
ATOM 472 N N   . GLU A 1 61 ? -6.793  -6.904  -1.985  1.00 62.23  ? 1250 GLU A N   1 
ATOM 473 C CA  . GLU A 1 61 ? -6.633  -7.988  -2.937  1.00 65.01  ? 1250 GLU A CA  1 
ATOM 474 C C   . GLU A 1 61 ? -7.474  -7.682  -4.169  1.00 63.81  ? 1250 GLU A C   1 
ATOM 475 O O   . GLU A 1 61 ? -8.417  -6.897  -4.110  1.00 64.10  ? 1250 GLU A O   1 
ATOM 476 C CB  . GLU A 1 61 ? -7.012  -9.325  -2.295  1.00 74.72  ? 1250 GLU A CB  1 
ATOM 477 C CG  . GLU A 1 61 ? -7.336  -10.503 -3.202  1.00 79.07  ? 1250 GLU A CG  1 
ATOM 478 C CD  . GLU A 1 61 ? -8.369  -11.412 -2.618  1.00 89.26  ? 1250 GLU A CD  1 
ATOM 479 O OE1 . GLU A 1 61 ? -9.475  -10.977 -2.194  1.00 91.03  ? 1250 GLU A OE1 1 
ATOM 480 O OE2 . GLU A 1 61 ? -8.071  -12.624 -2.558  1.00 95.92  ? 1250 GLU A OE2 1 
ATOM 481 N N   . CYS A 1 62 ? -7.037  -8.192  -5.310  1.00 62.10  ? 1251 CYS A N   1 
ATOM 482 C CA  . CYS A 1 62 ? -7.754  -7.972  -6.556  1.00 61.51  ? 1251 CYS A CA  1 
ATOM 483 C C   . CYS A 1 62 ? -8.234  -9.310  -7.088  1.00 65.95  ? 1251 CYS A C   1 
ATOM 484 O O   . CYS A 1 62 ? -7.442  -10.111 -7.573  1.00 68.29  ? 1251 CYS A O   1 
ATOM 485 C CB  . CYS A 1 62 ? -6.861  -7.278  -7.582  1.00 59.57  ? 1251 CYS A CB  1 
ATOM 486 S SG  . CYS A 1 62 ? -6.419  -5.566  -7.151  1.00 54.24  ? 1251 CYS A SG  1 
ATOM 487 N N   . ARG A 1 63 ? -9.515  -9.602  -6.920  1.00 70.07  ? 1252 ARG A N   1 
ATOM 488 C CA  . ARG A 1 63 ? -10.026 -10.896 -7.353  1.00 73.17  ? 1252 ARG A CA  1 
ATOM 489 C C   . ARG A 1 63 ? -10.776 -10.810 -8.695  1.00 70.54  ? 1252 ARG A C   1 
ATOM 490 O O   . ARG A 1 63 ? -11.485 -9.840  -8.944  1.00 71.25  ? 1252 ARG A O   1 
ATOM 491 C CB  . ARG A 1 63 ? -10.912 -11.495 -6.259  1.00 81.63  ? 1252 ARG A CB  1 
ATOM 492 C CG  . ARG A 1 63 ? -11.836 -12.602 -6.735  1.00 86.42  ? 1252 ARG A CG  1 
ATOM 493 C CD  . ARG A 1 63 ? -12.647 -13.182 -5.582  1.00 97.16  ? 1252 ARG A CD  1 
ATOM 494 N NE  . ARG A 1 63 ? -11.934 -13.111 -4.307  1.00 100.57 ? 1252 ARG A NE  1 
ATOM 495 C CZ  . ARG A 1 63 ? -12.506 -13.300 -3.120  1.00 110.19 ? 1252 ARG A CZ  1 
ATOM 496 N NH1 . ARG A 1 63 ? -13.805 -13.574 -3.041  1.00 117.24 ? 1252 ARG A NH1 1 
ATOM 497 N NH2 . ARG A 1 63 ? -11.785 -13.224 -2.012  1.00 112.40 ? 1252 ARG A NH2 1 
ATOM 498 N N   . GLY A 1 64 ? -10.556 -11.789 -9.593  1.00 67.93  ? 1253 GLY A N   1 
ATOM 499 C CA  . GLY A 1 64 ? -11.294 -11.940 -10.890 1.00 64.53  ? 1253 GLY A CA  1 
ATOM 500 C C   . GLY A 1 64 ? -12.358 -13.076 -10.671 1.00 68.19  ? 1253 GLY A C   1 
ATOM 501 O O   . GLY A 1 64 ? -12.449 -13.523 -9.532  1.00 74.87  ? 1253 GLY A O   1 
ATOM 502 N N   . CYS A 1 65 ? -13.318 -13.335 -11.562 1.00 65.91  ? 1254 CYS A N   1 
ATOM 503 C CA  . CYS A 1 65 ? -13.335 -13.160 -13.006 1.00 57.78  ? 1254 CYS A CA  1 
ATOM 504 C C   . CYS A 1 65 ? -12.079 -13.437 -13.835 1.00 48.34  ? 1254 CYS A C   1 
ATOM 505 O O   . CYS A 1 65 ? -11.357 -12.487 -14.168 1.00 47.51  ? 1254 CYS A O   1 
ATOM 506 C CB  . CYS A 1 65 ? -14.183 -11.972 -13.468 1.00 61.00  ? 1254 CYS A CB  1 
ATOM 507 S SG  . CYS A 1 65 ? -15.848 -12.034 -12.732 1.00 72.28  ? 1254 CYS A SG  1 
# 
